data_5QAJ
#
_entry.id   5QAJ
#
_cell.length_a   88.521
_cell.length_b   107.601
_cell.length_c   124.439
_cell.angle_alpha   90.000
_cell.angle_beta   90.000
_cell.angle_gamma   90.000
#
_symmetry.space_group_name_H-M   'P 21 21 21'
#
loop_
_entity.id
_entity.type
_entity.pdbx_description
1 polymer Beta-lactamase
2 non-polymer '3-(4-aminophenyl)benzoic acid'
3 non-polymer 'CHLORIDE ION'
4 non-polymer 1,2-ETHANEDIOL
5 water water
#
_entity_poly.entity_id   1
_entity_poly.type   'polypeptide(L)'
_entity_poly.pdbx_seq_one_letter_code
;KEWQENKSWNAHFTEHKSQGVVVLWNENKQQGFTNNLKRANQAFLPASTF(KCX)IPNSLIALDLGVVKDEHQVFKWDGQ
TRDIATWNRDHNLITAMKYSVVPVYQEFARQIGEARMSKMLHAFDYGNEDISGNVDSFWLDGGIRISATEQISFLRKLYH
NKLHVSERSQRIVKQAMLTEANGDYIIRAKTGYSTRIEPKIGWWVGWVELDDNVWFFAMNMDMPTSDGLGLRQAITKEVL
KQEKIIP
;
_entity_poly.pdbx_strand_id   A,B,C,D
#
loop_
_chem_comp.id
_chem_comp.type
_chem_comp.name
_chem_comp.formula
CL non-polymer 'CHLORIDE ION' 'Cl -1'
EDO non-polymer 1,2-ETHANEDIOL 'C2 H6 O2'
VBC non-polymer '3-(4-aminophenyl)benzoic acid' 'C13 H11 N O2'
#
# COMPACT_ATOMS: atom_id res chain seq x y z
N GLU A 2 -7.47 16.50 34.78
CA GLU A 2 -8.78 16.94 34.34
C GLU A 2 -8.63 17.32 32.87
N TRP A 3 -9.75 17.50 32.17
CA TRP A 3 -9.76 17.83 30.76
C TRP A 3 -10.71 18.99 30.51
N GLN A 4 -10.29 19.88 29.62
CA GLN A 4 -11.05 21.08 29.28
C GLN A 4 -11.25 21.11 27.77
N GLU A 5 -12.47 21.37 27.35
CA GLU A 5 -12.78 21.50 25.93
C GLU A 5 -12.87 22.98 25.62
N ASN A 6 -12.10 23.43 24.63
CA ASN A 6 -12.05 24.83 24.19
C ASN A 6 -12.43 24.82 22.73
N LYS A 7 -13.73 24.99 22.45
CA LYS A 7 -14.22 24.94 21.07
C LYS A 7 -13.77 26.15 20.26
N SER A 8 -13.21 27.17 20.90
CA SER A 8 -12.68 28.32 20.19
C SER A 8 -11.54 27.95 19.24
N TRP A 9 -10.80 26.89 19.57
CA TRP A 9 -9.73 26.46 18.67
C TRP A 9 -10.27 25.96 17.34
N ASN A 10 -11.55 25.59 17.27
CA ASN A 10 -12.13 25.16 16.01
C ASN A 10 -11.90 26.17 14.90
N ALA A 11 -11.76 27.45 15.25
CA ALA A 11 -11.49 28.47 14.24
C ALA A 11 -10.24 28.15 13.42
N HIS A 12 -9.17 27.70 14.08
CA HIS A 12 -7.93 27.42 13.37
C HIS A 12 -8.12 26.38 12.27
N PHE A 13 -9.07 25.44 12.47
CA PHE A 13 -9.33 24.43 11.44
C PHE A 13 -10.27 24.95 10.36
N THR A 14 -11.42 25.50 10.77
CA THR A 14 -12.42 25.94 9.80
C THR A 14 -11.89 27.06 8.91
N GLU A 15 -11.11 27.97 9.49
CA GLU A 15 -10.52 29.05 8.69
C GLU A 15 -9.67 28.51 7.56
N HIS A 16 -9.16 27.28 7.67
CA HIS A 16 -8.46 26.61 6.58
C HIS A 16 -9.33 25.56 5.90
N LYS A 17 -10.65 25.69 5.99
CA LYS A 17 -11.57 24.75 5.32
C LYS A 17 -11.23 23.29 5.64
N SER A 18 -10.89 23.02 6.90
N SER A 18 -10.87 23.03 6.89
CA SER A 18 -10.50 21.68 7.34
CA SER A 18 -10.55 21.68 7.32
C SER A 18 -11.11 21.41 8.71
C SER A 18 -11.12 21.41 8.70
N GLN A 19 -10.98 20.16 9.13
CA GLN A 19 -11.49 19.68 10.41
C GLN A 19 -10.46 18.80 11.07
N GLY A 20 -10.36 18.90 12.39
CA GLY A 20 -9.41 18.10 13.11
C GLY A 20 -9.49 18.38 14.59
N VAL A 21 -8.49 17.87 15.29
CA VAL A 21 -8.41 18.01 16.73
C VAL A 21 -6.97 18.31 17.10
N VAL A 22 -6.80 19.20 18.07
CA VAL A 22 -5.53 19.40 18.76
C VAL A 22 -5.75 19.04 20.21
N VAL A 23 -4.85 18.25 20.76
CA VAL A 23 -4.86 17.89 22.17
C VAL A 23 -3.55 18.38 22.78
N LEU A 24 -3.64 19.15 23.86
CA LEU A 24 -2.49 19.63 24.61
C LEU A 24 -2.53 19.08 26.02
N TRP A 25 -1.34 18.83 26.58
CA TRP A 25 -1.21 18.36 27.95
C TRP A 25 -0.13 19.18 28.64
N ASN A 26 -0.52 19.87 29.72
CA ASN A 26 0.39 20.66 30.56
C ASN A 26 0.98 19.73 31.61
N GLU A 27 2.26 19.40 31.48
CA GLU A 27 2.85 18.39 32.35
C GLU A 27 2.92 18.87 33.81
N ASN A 28 3.33 20.12 34.04
CA ASN A 28 3.41 20.62 35.41
C ASN A 28 2.04 20.58 36.09
N LYS A 29 1.00 21.06 35.39
CA LYS A 29 -0.32 21.11 36.00
C LYS A 29 -1.12 19.82 35.83
N GLN A 30 -0.62 18.87 35.04
CA GLN A 30 -1.34 17.62 34.79
C GLN A 30 -2.76 17.89 34.30
N GLN A 31 -2.86 18.79 33.32
CA GLN A 31 -4.13 19.21 32.76
C GLN A 31 -4.09 19.13 31.24
N GLY A 32 -5.19 18.67 30.66
CA GLY A 32 -5.32 18.51 29.23
C GLY A 32 -6.33 19.48 28.64
N PHE A 33 -6.14 19.80 27.36
CA PHE A 33 -6.98 20.74 26.65
C PHE A 33 -7.17 20.26 25.22
N THR A 34 -8.39 20.42 24.69
CA THR A 34 -8.63 20.04 23.31
C THR A 34 -9.84 20.80 22.78
N ASN A 35 -9.90 20.91 21.46
CA ASN A 35 -11.05 21.54 20.83
C ASN A 35 -12.23 20.60 20.67
N ASN A 36 -12.00 19.29 20.76
CA ASN A 36 -13.01 18.28 20.39
C ASN A 36 -12.71 17.00 21.18
N LEU A 37 -13.41 16.83 22.31
CA LEU A 37 -13.16 15.68 23.18
C LEU A 37 -13.45 14.37 22.47
N LYS A 38 -14.47 14.36 21.62
CA LYS A 38 -14.81 13.13 20.91
C LYS A 38 -13.71 12.73 19.95
N ARG A 39 -13.32 13.62 19.05
CA ARG A 39 -12.28 13.26 18.08
C ARG A 39 -10.94 13.01 18.77
N ALA A 40 -10.69 13.70 19.90
CA ALA A 40 -9.48 13.44 20.68
C ALA A 40 -9.37 11.98 21.09
N ASN A 41 -10.49 11.29 21.20
CA ASN A 41 -10.51 9.88 21.59
C ASN A 41 -10.87 8.95 20.44
N GLN A 42 -10.99 9.46 19.21
CA GLN A 42 -11.22 8.62 18.05
C GLN A 42 -9.90 8.08 17.53
N ALA A 43 -9.86 6.79 17.24
CA ALA A 43 -8.63 6.10 16.88
C ALA A 43 -8.44 6.05 15.38
N PHE A 44 -7.24 6.40 14.92
CA PHE A 44 -6.90 6.39 13.50
C PHE A 44 -5.65 5.54 13.28
N LEU A 45 -5.41 5.19 12.03
CA LEU A 45 -4.13 4.62 11.66
C LEU A 45 -3.02 5.59 12.09
N PRO A 46 -1.97 5.12 12.75
CA PRO A 46 -0.90 6.03 13.15
C PRO A 46 -0.03 6.46 11.99
N ALA A 47 0.01 5.68 10.91
CA ALA A 47 0.88 5.94 9.77
C ALA A 47 2.29 6.25 10.29
N SER A 48 2.95 7.27 9.73
CA SER A 48 4.36 7.50 10.04
C SER A 48 4.60 7.96 11.48
N THR A 49 3.58 8.30 12.27
CA THR A 49 3.86 8.51 13.69
C THR A 49 4.32 7.21 14.34
N PHE A 50 4.04 6.08 13.72
CA PHE A 50 4.46 4.77 14.22
C PHE A 50 5.97 4.61 14.16
N KCX A 51 6.65 5.53 13.50
CA KCX A 51 8.11 5.43 13.43
CB KCX A 51 8.68 6.40 12.40
CG KCX A 51 8.40 5.92 10.94
CD KCX A 51 9.02 6.82 9.87
CE KCX A 51 8.83 6.24 8.46
NZ KCX A 51 7.40 6.28 8.10
C KCX A 51 8.72 5.66 14.83
O KCX A 51 9.86 5.25 15.08
CX KCX A 51 6.62 5.19 8.14
OQ1 KCX A 51 5.40 5.26 7.85
OQ2 KCX A 51 7.12 4.08 8.44
N ILE A 52 7.97 6.27 15.74
CA ILE A 52 8.49 6.42 17.10
C ILE A 52 8.60 5.05 17.77
N PRO A 53 7.47 4.35 17.96
CA PRO A 53 7.60 3.02 18.58
C PRO A 53 8.46 2.06 17.77
N ASN A 54 8.37 2.11 16.44
CA ASN A 54 9.18 1.22 15.61
C ASN A 54 10.67 1.45 15.83
N SER A 55 11.09 2.71 15.88
CA SER A 55 12.50 3.02 16.16
C SER A 55 12.93 2.49 17.51
N LEU A 56 12.08 2.69 18.53
CA LEU A 56 12.40 2.21 19.88
C LEU A 56 12.63 0.72 19.89
N ILE A 57 11.75 -0.02 19.23
CA ILE A 57 11.85 -1.48 19.23
C ILE A 57 13.07 -1.93 18.45
N ALA A 58 13.28 -1.35 17.26
CA ALA A 58 14.43 -1.72 16.46
C ALA A 58 15.74 -1.50 17.23
N LEU A 59 15.84 -0.38 17.94
CA LEU A 59 17.05 -0.08 18.69
C LEU A 59 17.23 -1.06 19.85
N ASP A 60 16.16 -1.35 20.57
CA ASP A 60 16.29 -2.16 21.77
C ASP A 60 16.60 -3.61 21.45
N LEU A 61 16.17 -4.08 20.28
CA LEU A 61 16.46 -5.45 19.88
C LEU A 61 17.79 -5.58 19.14
N GLY A 62 18.48 -4.47 18.87
CA GLY A 62 19.71 -4.52 18.11
C GLY A 62 19.52 -4.56 16.61
N VAL A 63 18.29 -4.45 16.13
CA VAL A 63 18.07 -4.32 14.69
C VAL A 63 18.76 -3.07 14.15
N VAL A 64 18.70 -1.99 14.91
CA VAL A 64 19.45 -0.77 14.63
C VAL A 64 20.48 -0.63 15.73
N LYS A 65 21.74 -0.50 15.33
CA LYS A 65 22.84 -0.42 16.27
C LYS A 65 22.84 0.93 16.98
N ASP A 66 22.76 2.00 16.21
CA ASP A 66 22.77 3.36 16.74
C ASP A 66 22.27 4.29 15.65
N GLU A 67 22.26 5.58 15.95
CA GLU A 67 21.71 6.57 15.05
C GLU A 67 22.63 6.89 13.88
N HIS A 68 23.83 6.28 13.83
CA HIS A 68 24.76 6.45 12.73
C HIS A 68 24.73 5.31 11.71
N GLN A 69 24.18 4.15 12.07
CA GLN A 69 24.13 3.04 11.14
C GLN A 69 23.44 3.47 9.85
N VAL A 70 24.08 3.19 8.72
CA VAL A 70 23.57 3.58 7.42
C VAL A 70 22.70 2.46 6.86
N PHE A 71 21.48 2.81 6.47
CA PHE A 71 20.57 1.87 5.83
C PHE A 71 20.61 2.21 4.35
N LYS A 72 21.28 1.36 3.59
CA LYS A 72 21.56 1.67 2.20
C LYS A 72 20.28 1.62 1.39
N TRP A 73 20.13 2.58 0.49
CA TRP A 73 19.01 2.56 -0.45
C TRP A 73 19.05 1.25 -1.24
N ASP A 74 17.87 0.65 -1.42
CA ASP A 74 17.78 -0.62 -2.12
C ASP A 74 17.81 -0.46 -3.64
N GLY A 75 18.10 0.73 -4.14
CA GLY A 75 18.18 0.95 -5.57
C GLY A 75 16.85 0.97 -6.29
N GLN A 76 15.73 0.85 -5.58
CA GLN A 76 14.42 0.96 -6.22
C GLN A 76 13.96 2.41 -6.17
N THR A 77 13.81 3.00 -7.35
CA THR A 77 13.40 4.40 -7.45
C THR A 77 11.95 4.55 -7.00
N ARG A 78 11.73 5.38 -6.00
CA ARG A 78 10.40 5.68 -5.50
C ARG A 78 10.08 7.15 -5.76
N ASP A 79 8.78 7.48 -5.64
CA ASP A 79 8.32 8.80 -6.02
C ASP A 79 8.72 9.91 -5.04
N ILE A 80 9.25 9.58 -3.88
CA ILE A 80 9.72 10.59 -2.92
C ILE A 80 11.23 10.67 -3.09
N ALA A 81 11.71 11.81 -3.60
CA ALA A 81 13.12 11.92 -3.98
C ALA A 81 14.05 11.62 -2.81
N THR A 82 13.74 12.15 -1.62
N THR A 82 13.72 12.12 -1.61
CA THR A 82 14.63 11.94 -0.48
CA THR A 82 14.60 11.94 -0.47
C THR A 82 14.67 10.49 -0.03
C THR A 82 14.66 10.49 -0.02
N TRP A 83 13.73 9.66 -0.49
CA TRP A 83 13.79 8.24 -0.16
C TRP A 83 14.82 7.49 -0.99
N ASN A 84 15.23 8.06 -2.13
CA ASN A 84 16.14 7.37 -3.04
C ASN A 84 17.58 7.68 -2.68
N ARG A 85 17.93 7.36 -1.44
CA ARG A 85 19.29 7.61 -0.98
C ARG A 85 19.48 6.85 0.32
N ASP A 86 20.74 6.80 0.76
CA ASP A 86 21.08 6.19 2.02
C ASP A 86 20.54 7.03 3.18
N HIS A 87 20.21 6.36 4.28
CA HIS A 87 19.68 7.02 5.46
C HIS A 87 20.29 6.41 6.71
N ASN A 88 20.30 7.21 7.77
CA ASN A 88 20.45 6.71 9.13
C ASN A 88 19.14 6.99 9.86
N LEU A 89 19.12 6.65 11.15
CA LEU A 89 17.89 6.79 11.90
C LEU A 89 17.41 8.24 11.89
N ILE A 90 18.34 9.20 12.00
CA ILE A 90 17.96 10.60 12.06
C ILE A 90 17.29 11.04 10.76
N THR A 91 17.94 10.75 9.63
CA THR A 91 17.38 11.21 8.36
C THR A 91 16.17 10.38 7.96
N ALA A 92 16.13 9.10 8.34
CA ALA A 92 14.96 8.28 8.05
C ALA A 92 13.71 8.83 8.75
N MET A 93 13.85 9.26 10.01
N MET A 93 13.85 9.21 10.02
CA MET A 93 12.71 9.88 10.68
CA MET A 93 12.79 9.90 10.74
C MET A 93 12.39 11.24 10.09
C MET A 93 12.42 11.21 10.05
N LYS A 94 13.42 12.05 9.81
CA LYS A 94 13.20 13.38 9.25
C LYS A 94 12.39 13.32 7.96
N TYR A 95 12.74 12.41 7.06
CA TYR A 95 12.08 12.30 5.77
C TYR A 95 11.04 11.20 5.74
N SER A 96 10.70 10.64 6.88
CA SER A 96 9.64 9.64 7.03
C SER A 96 9.78 8.56 5.95
N VAL A 97 10.94 7.91 5.96
CA VAL A 97 11.33 7.01 4.87
C VAL A 97 10.73 5.64 5.19
N VAL A 98 9.52 5.43 4.66
CA VAL A 98 8.78 4.17 4.89
C VAL A 98 9.62 2.93 4.59
N PRO A 99 10.26 2.80 3.43
CA PRO A 99 10.94 1.53 3.12
C PRO A 99 12.03 1.15 4.12
N VAL A 100 12.70 2.12 4.74
CA VAL A 100 13.65 1.78 5.81
C VAL A 100 12.92 1.17 6.98
N TYR A 101 11.79 1.75 7.37
CA TYR A 101 11.06 1.25 8.53
C TYR A 101 10.32 -0.04 8.21
N GLN A 102 9.94 -0.26 6.96
CA GLN A 102 9.39 -1.56 6.60
C GLN A 102 10.42 -2.66 6.83
N GLU A 103 11.68 -2.41 6.47
CA GLU A 103 12.73 -3.38 6.72
C GLU A 103 12.94 -3.59 8.22
N PHE A 104 12.92 -2.52 9.02
CA PHE A 104 12.98 -2.68 10.48
C PHE A 104 11.93 -3.68 10.95
N ALA A 105 10.69 -3.48 10.51
CA ALA A 105 9.57 -4.29 10.99
C ALA A 105 9.72 -5.75 10.60
N ARG A 106 10.20 -6.01 9.38
CA ARG A 106 10.43 -7.39 8.96
C ARG A 106 11.48 -8.05 9.84
N GLN A 107 12.52 -7.30 10.23
CA GLN A 107 13.56 -7.86 11.08
C GLN A 107 13.08 -7.98 12.52
N ILE A 108 12.21 -7.08 12.97
CA ILE A 108 11.63 -7.22 14.30
C ILE A 108 10.78 -8.48 14.36
N GLY A 109 9.91 -8.68 13.38
CA GLY A 109 9.05 -9.86 13.35
C GLY A 109 7.76 -9.63 14.12
N GLU A 110 6.72 -10.39 13.72
CA GLU A 110 5.37 -10.22 14.28
C GLU A 110 5.36 -10.42 15.79
N ALA A 111 6.00 -11.50 16.27
CA ALA A 111 5.92 -11.84 17.68
C ALA A 111 6.48 -10.72 18.55
N ARG A 112 7.69 -10.25 18.24
CA ARG A 112 8.31 -9.24 19.08
C ARG A 112 7.61 -7.89 18.94
N MET A 113 7.14 -7.56 17.74
CA MET A 113 6.42 -6.32 17.54
C MET A 113 5.15 -6.29 18.38
N SER A 114 4.36 -7.38 18.32
CA SER A 114 3.11 -7.44 19.08
C SER A 114 3.39 -7.33 20.57
N LYS A 115 4.40 -8.05 21.06
CA LYS A 115 4.73 -8.02 22.47
C LYS A 115 5.15 -6.63 22.92
N MET A 116 5.97 -5.93 22.14
N MET A 116 5.98 -5.95 22.13
CA MET A 116 6.47 -4.65 22.58
CA MET A 116 6.48 -4.63 22.53
C MET A 116 5.41 -3.55 22.50
C MET A 116 5.38 -3.58 22.53
N LEU A 117 4.47 -3.64 21.54
CA LEU A 117 3.39 -2.66 21.51
C LEU A 117 2.45 -2.84 22.69
N HIS A 118 2.22 -4.08 23.11
CA HIS A 118 1.46 -4.29 24.34
C HIS A 118 2.21 -3.73 25.54
N ALA A 119 3.51 -3.97 25.63
CA ALA A 119 4.30 -3.40 26.73
C ALA A 119 4.26 -1.89 26.73
N PHE A 120 4.21 -1.27 25.55
CA PHE A 120 4.09 0.18 25.45
C PHE A 120 2.67 0.67 25.72
N ASP A 121 1.70 -0.23 25.81
CA ASP A 121 0.30 0.15 25.92
C ASP A 121 -0.09 1.04 24.74
N TYR A 122 0.41 0.69 23.55
CA TYR A 122 0.35 1.58 22.39
C TYR A 122 -0.94 1.32 21.61
N GLY A 123 -1.86 2.29 21.66
CA GLY A 123 -3.08 2.21 20.85
C GLY A 123 -3.87 0.96 21.14
N ASN A 124 -4.46 0.39 20.09
CA ASN A 124 -5.19 -0.87 20.27
C ASN A 124 -4.27 -2.08 20.25
N GLU A 125 -2.95 -1.86 20.14
CA GLU A 125 -1.96 -2.92 20.26
C GLU A 125 -2.15 -4.04 19.24
N ASP A 126 -2.85 -3.76 18.14
CA ASP A 126 -3.23 -4.77 17.15
C ASP A 126 -2.37 -4.59 15.90
N ILE A 127 -1.51 -5.56 15.64
CA ILE A 127 -0.64 -5.52 14.46
C ILE A 127 -1.22 -6.34 13.30
N SER A 128 -2.51 -6.66 13.35
CA SER A 128 -3.09 -7.48 12.30
C SER A 128 -2.84 -6.84 10.93
N GLY A 129 -2.53 -7.68 9.96
CA GLY A 129 -2.15 -7.24 8.64
C GLY A 129 -0.75 -7.69 8.29
N ASN A 130 -0.14 -7.06 7.30
CA ASN A 130 1.24 -7.36 6.93
C ASN A 130 2.20 -6.71 7.92
N VAL A 131 3.19 -7.48 8.38
CA VAL A 131 4.12 -6.98 9.36
C VAL A 131 4.88 -5.78 8.86
N ASP A 132 5.01 -5.61 7.55
CA ASP A 132 5.78 -4.49 7.02
C ASP A 132 4.89 -3.37 6.53
N SER A 133 3.61 -3.38 6.87
CA SER A 133 2.76 -2.25 6.49
C SER A 133 1.54 -2.02 7.37
N PHE A 134 1.45 -2.74 8.50
CA PHE A 134 0.20 -2.71 9.26
C PHE A 134 -0.12 -1.33 9.82
N TRP A 135 0.91 -0.48 10.03
CA TRP A 135 0.69 0.88 10.49
C TRP A 135 0.19 1.80 9.39
N LEU A 136 0.17 1.32 8.15
CA LEU A 136 -0.35 2.06 7.02
C LEU A 136 -1.68 1.53 6.53
N ASP A 137 -1.90 0.22 6.63
CA ASP A 137 -3.16 -0.33 6.15
C ASP A 137 -3.60 -1.58 6.90
N GLY A 138 -3.09 -1.81 8.10
CA GLY A 138 -3.47 -2.93 8.93
C GLY A 138 -4.49 -2.52 9.98
N GLY A 139 -4.50 -3.27 11.09
CA GLY A 139 -5.50 -3.09 12.11
C GLY A 139 -5.15 -2.16 13.25
N ILE A 140 -3.93 -1.65 13.31
CA ILE A 140 -3.50 -0.83 14.45
C ILE A 140 -4.16 0.53 14.37
N ARG A 141 -4.60 1.02 15.54
CA ARG A 141 -5.27 2.30 15.67
C ARG A 141 -4.81 2.98 16.96
N ILE A 142 -4.73 4.31 16.92
CA ILE A 142 -4.36 5.09 18.10
C ILE A 142 -5.07 6.43 18.02
N SER A 143 -5.53 6.91 19.16
CA SER A 143 -6.16 8.21 19.28
C SER A 143 -5.15 9.29 19.68
N ALA A 144 -5.56 10.54 19.56
CA ALA A 144 -4.70 11.65 19.96
C ALA A 144 -4.37 11.61 21.44
N THR A 145 -5.36 11.30 22.30
CA THR A 145 -5.04 11.19 23.71
C THR A 145 -4.13 10.00 23.99
N GLU A 146 -4.27 8.93 23.20
CA GLU A 146 -3.39 7.77 23.37
C GLU A 146 -1.96 8.09 22.93
N GLN A 147 -1.81 8.91 21.90
CA GLN A 147 -0.46 9.36 21.52
C GLN A 147 0.19 10.12 22.69
N ILE A 148 -0.58 10.99 23.36
CA ILE A 148 -0.05 11.76 24.48
C ILE A 148 0.45 10.83 25.58
N SER A 149 -0.39 9.87 25.99
N SER A 149 -0.40 9.88 25.99
CA SER A 149 0.00 8.95 27.05
CA SER A 149 -0.04 8.92 27.02
C SER A 149 1.30 8.23 26.67
C SER A 149 1.28 8.24 26.67
N PHE A 150 1.44 7.84 25.41
CA PHE A 150 2.65 7.16 24.97
C PHE A 150 3.84 8.09 25.00
N LEU A 151 3.69 9.31 24.48
CA LEU A 151 4.79 10.27 24.46
C LEU A 151 5.24 10.66 25.86
N ARG A 152 4.31 10.79 26.80
CA ARG A 152 4.70 11.14 28.17
C ARG A 152 5.62 10.07 28.75
N LYS A 153 5.30 8.80 28.52
CA LYS A 153 6.17 7.72 28.98
C LYS A 153 7.54 7.83 28.36
N LEU A 154 7.59 8.09 27.05
CA LEU A 154 8.86 8.26 26.37
C LEU A 154 9.66 9.40 26.98
N TYR A 155 9.02 10.55 27.19
CA TYR A 155 9.73 11.70 27.75
C TYR A 155 10.39 11.36 29.07
N HIS A 156 9.69 10.61 29.93
CA HIS A 156 10.20 10.27 31.25
C HIS A 156 11.01 8.98 31.28
N ASN A 157 11.33 8.41 30.12
CA ASN A 157 12.12 7.18 30.03
C ASN A 157 11.43 6.02 30.74
N LYS A 158 10.10 6.01 30.70
CA LYS A 158 9.30 5.02 31.41
C LYS A 158 8.83 3.88 30.50
N LEU A 159 9.12 3.92 29.22
CA LEU A 159 8.77 2.80 28.36
C LEU A 159 9.67 1.59 28.67
N HIS A 160 9.15 0.39 28.39
CA HIS A 160 9.87 -0.84 28.72
C HIS A 160 10.92 -1.17 27.64
N VAL A 161 11.78 -0.19 27.41
CA VAL A 161 13.03 -0.38 26.68
C VAL A 161 14.10 0.37 27.43
N SER A 162 15.35 0.20 27.01
CA SER A 162 16.45 0.81 27.72
C SER A 162 16.33 2.33 27.71
N GLU A 163 16.93 2.98 28.71
CA GLU A 163 17.06 4.44 28.66
C GLU A 163 17.75 4.87 27.37
N ARG A 164 18.78 4.15 26.95
CA ARG A 164 19.52 4.50 25.73
C ARG A 164 18.60 4.54 24.51
N SER A 165 17.80 3.50 24.30
CA SER A 165 16.89 3.48 23.16
C SER A 165 15.99 4.71 23.18
N GLN A 166 15.46 5.07 24.36
CA GLN A 166 14.55 6.19 24.44
C GLN A 166 15.27 7.50 24.18
N ARG A 167 16.50 7.65 24.69
CA ARG A 167 17.27 8.86 24.41
C ARG A 167 17.54 9.00 22.93
N ILE A 168 17.90 7.90 22.27
CA ILE A 168 18.22 7.98 20.86
C ILE A 168 17.00 8.41 20.04
N VAL A 169 15.83 7.82 20.34
CA VAL A 169 14.63 8.16 19.57
C VAL A 169 14.23 9.61 19.81
N LYS A 170 14.34 10.09 21.04
CA LYS A 170 14.03 11.49 21.31
C LYS A 170 15.00 12.42 20.59
N GLN A 171 16.26 12.02 20.46
CA GLN A 171 17.16 12.78 19.60
C GLN A 171 16.63 12.80 18.17
N ALA A 172 16.24 11.64 17.64
CA ALA A 172 15.77 11.58 16.26
C ALA A 172 14.47 12.33 16.05
N MET A 173 13.71 12.57 17.12
CA MET A 173 12.47 13.34 17.01
C MET A 173 12.70 14.82 16.93
N LEU A 174 13.93 15.29 17.17
CA LEU A 174 14.19 16.72 17.19
C LEU A 174 13.73 17.35 15.88
N THR A 175 12.86 18.34 15.97
CA THR A 175 12.29 19.02 14.82
C THR A 175 12.66 20.49 14.75
N GLU A 176 12.66 21.18 15.88
CA GLU A 176 12.91 22.60 15.89
C GLU A 176 13.50 22.98 17.23
N ALA A 177 14.42 23.94 17.22
CA ALA A 177 14.99 24.42 18.46
C ALA A 177 15.50 25.84 18.25
N ASN A 178 15.20 26.71 19.21
CA ASN A 178 15.69 28.07 19.23
C ASN A 178 15.84 28.49 20.69
N GLY A 179 16.10 29.77 20.90
CA GLY A 179 16.27 30.26 22.26
C GLY A 179 15.02 30.20 23.12
N ASP A 180 13.86 29.93 22.53
CA ASP A 180 12.61 29.93 23.28
C ASP A 180 12.04 28.55 23.56
N TYR A 181 12.25 27.57 22.67
CA TYR A 181 11.63 26.28 22.87
C TYR A 181 12.31 25.23 22.00
N ILE A 182 12.07 23.98 22.35
CA ILE A 182 12.49 22.82 21.56
C ILE A 182 11.25 21.98 21.28
N ILE A 183 11.07 21.60 20.02
CA ILE A 183 9.99 20.69 19.63
C ILE A 183 10.59 19.37 19.19
N ARG A 184 10.18 18.29 19.85
CA ARG A 184 10.45 16.94 19.42
C ARG A 184 9.12 16.30 19.04
N ALA A 185 9.04 15.77 17.82
CA ALA A 185 7.76 15.39 17.28
C ALA A 185 7.96 14.49 16.07
N LYS A 186 6.85 13.97 15.57
CA LYS A 186 6.80 13.16 14.36
C LYS A 186 5.51 13.43 13.61
N THR A 187 5.63 13.66 12.30
CA THR A 187 4.47 13.82 11.44
C THR A 187 3.97 12.45 10.98
N GLY A 188 2.72 12.43 10.55
CA GLY A 188 2.12 11.25 9.96
C GLY A 188 1.15 11.67 8.88
N TYR A 189 0.96 10.77 7.92
CA TYR A 189 0.07 11.00 6.77
C TYR A 189 -0.56 9.66 6.40
N SER A 190 -1.85 9.50 6.71
CA SER A 190 -2.58 8.26 6.48
C SER A 190 -3.50 8.41 5.28
N THR A 191 -3.29 7.60 4.24
CA THR A 191 -4.08 7.69 3.01
C THR A 191 -4.77 6.39 2.61
N ARG A 192 -4.34 5.24 3.12
CA ARG A 192 -4.80 3.96 2.58
C ARG A 192 -6.17 3.54 3.09
N ILE A 193 -6.64 4.13 4.18
CA ILE A 193 -7.96 3.84 4.72
C ILE A 193 -8.61 5.18 5.08
N GLU A 194 -9.91 5.29 4.80
CA GLU A 194 -10.62 6.51 5.10
C GLU A 194 -10.87 6.62 6.60
N PRO A 195 -10.92 7.84 7.13
CA PRO A 195 -10.66 9.11 6.44
C PRO A 195 -9.16 9.39 6.34
N LYS A 196 -8.72 9.96 5.22
CA LYS A 196 -7.33 10.35 5.09
C LYS A 196 -7.04 11.47 6.08
N ILE A 197 -5.97 11.33 6.86
CA ILE A 197 -5.64 12.31 7.89
C ILE A 197 -4.15 12.58 7.92
N GLY A 198 -3.82 13.75 8.46
CA GLY A 198 -2.46 14.09 8.83
C GLY A 198 -2.34 14.10 10.34
N TRP A 199 -1.17 13.72 10.83
CA TRP A 199 -0.85 13.69 12.24
C TRP A 199 0.31 14.65 12.51
N TRP A 200 0.33 15.24 13.70
CA TRP A 200 1.56 15.76 14.28
C TRP A 200 1.47 15.53 15.78
N VAL A 201 2.43 14.78 16.32
CA VAL A 201 2.46 14.43 17.73
C VAL A 201 3.87 14.66 18.27
N GLY A 202 3.95 15.07 19.53
CA GLY A 202 5.23 15.36 20.17
C GLY A 202 5.05 16.20 21.41
N TRP A 203 6.03 17.07 21.66
CA TRP A 203 5.96 17.97 22.80
C TRP A 203 6.86 19.16 22.56
N VAL A 204 6.62 20.23 23.30
N VAL A 204 6.60 20.22 23.32
CA VAL A 204 7.42 21.43 23.24
CA VAL A 204 7.35 21.46 23.31
C VAL A 204 8.05 21.64 24.61
C VAL A 204 8.05 21.57 24.66
N GLU A 205 9.37 21.69 24.64
CA GLU A 205 10.14 21.84 25.86
C GLU A 205 10.38 23.32 26.11
N LEU A 206 10.02 23.79 27.30
CA LEU A 206 10.31 25.14 27.76
C LEU A 206 11.31 25.04 28.91
N ASP A 207 11.76 26.21 29.37
CA ASP A 207 12.70 26.23 30.50
C ASP A 207 12.14 25.50 31.71
N ASP A 208 10.85 25.72 32.03
CA ASP A 208 10.29 25.24 33.30
C ASP A 208 9.05 24.37 33.12
N ASN A 209 8.78 23.88 31.92
CA ASN A 209 7.60 23.06 31.71
C ASN A 209 7.73 22.37 30.37
N VAL A 210 6.86 21.38 30.16
N VAL A 210 6.88 21.37 30.18
CA VAL A 210 6.78 20.67 28.89
CA VAL A 210 6.76 20.65 28.92
C VAL A 210 5.31 20.52 28.54
C VAL A 210 5.27 20.60 28.57
N TRP A 211 4.95 20.91 27.32
CA TRP A 211 3.59 20.78 26.79
C TRP A 211 3.62 19.68 25.74
N PHE A 212 2.92 18.58 26.00
CA PHE A 212 2.73 17.54 25.01
C PHE A 212 1.58 17.91 24.08
N PHE A 213 1.68 17.49 22.82
CA PHE A 213 0.63 17.76 21.85
C PHE A 213 0.44 16.57 20.93
N ALA A 214 -0.79 16.41 20.47
CA ALA A 214 -1.13 15.43 19.45
C ALA A 214 -2.29 15.99 18.65
N MET A 215 -2.11 16.11 17.35
CA MET A 215 -3.15 16.65 16.48
C MET A 215 -3.33 15.72 15.28
N ASN A 216 -4.57 15.64 14.82
CA ASN A 216 -4.83 15.06 13.51
C ASN A 216 -5.92 15.89 12.84
N MET A 217 -5.93 15.82 11.51
CA MET A 217 -6.84 16.62 10.71
C MET A 217 -7.11 15.90 9.40
N ASP A 218 -8.31 16.12 8.86
CA ASP A 218 -8.64 15.59 7.55
C ASP A 218 -7.65 16.11 6.51
N MET A 219 -7.26 15.22 5.60
CA MET A 219 -6.22 15.52 4.62
C MET A 219 -6.64 14.89 3.29
N PRO A 220 -7.62 15.48 2.61
CA PRO A 220 -8.08 14.90 1.34
C PRO A 220 -7.00 14.86 0.28
N THR A 221 -6.10 15.84 0.25
CA THR A 221 -4.98 15.87 -0.68
C THR A 221 -3.73 16.24 0.10
N SER A 222 -2.58 15.93 -0.49
CA SER A 222 -1.30 16.27 0.12
C SER A 222 -1.04 17.77 0.15
N ASP A 223 -1.95 18.59 -0.37
CA ASP A 223 -1.67 20.01 -0.47
C ASP A 223 -1.78 20.70 0.88
N GLY A 224 -2.55 20.16 1.81
CA GLY A 224 -2.67 20.71 3.13
C GLY A 224 -1.72 20.17 4.18
N LEU A 225 -0.68 19.42 3.79
CA LEU A 225 0.16 18.77 4.79
C LEU A 225 0.80 19.79 5.73
N GLY A 226 1.21 20.95 5.20
CA GLY A 226 1.83 21.96 6.02
C GLY A 226 0.93 22.48 7.12
N LEU A 227 -0.39 22.28 7.01
CA LEU A 227 -1.32 22.73 8.04
C LEU A 227 -1.17 21.96 9.34
N ARG A 228 -0.62 20.75 9.31
CA ARG A 228 -0.43 19.98 10.53
C ARG A 228 0.40 20.78 11.52
N GLN A 229 1.55 21.27 11.08
CA GLN A 229 2.41 22.06 11.97
C GLN A 229 1.87 23.47 12.15
N ALA A 230 1.33 24.06 11.08
CA ALA A 230 0.91 25.46 11.14
C ALA A 230 -0.27 25.62 12.11
N ILE A 231 -1.26 24.73 12.03
CA ILE A 231 -2.41 24.82 12.94
C ILE A 231 -1.97 24.59 14.38
N THR A 232 -1.13 23.58 14.61
CA THR A 232 -0.65 23.31 15.95
C THR A 232 0.06 24.54 16.53
N LYS A 233 0.94 25.17 15.74
CA LYS A 233 1.66 26.32 16.25
C LYS A 233 0.75 27.51 16.49
N GLU A 234 -0.30 27.68 15.67
CA GLU A 234 -1.26 28.74 15.95
C GLU A 234 -1.92 28.53 17.30
N VAL A 235 -2.28 27.29 17.63
CA VAL A 235 -2.85 27.00 18.94
C VAL A 235 -1.83 27.32 20.04
N LEU A 236 -0.60 26.82 19.88
CA LEU A 236 0.44 27.10 20.87
C LEU A 236 0.63 28.60 21.05
N LYS A 237 0.64 29.36 19.96
CA LYS A 237 0.76 30.80 20.05
C LYS A 237 -0.43 31.41 20.77
N GLN A 238 -1.65 30.97 20.40
CA GLN A 238 -2.85 31.47 21.07
C GLN A 238 -2.79 31.25 22.57
N GLU A 239 -2.37 30.06 22.99
CA GLU A 239 -2.25 29.76 24.41
C GLU A 239 -0.95 30.28 24.99
N LYS A 240 -0.22 31.08 24.22
CA LYS A 240 1.01 31.73 24.68
C LYS A 240 2.02 30.73 25.22
N ILE A 241 2.02 29.52 24.65
CA ILE A 241 3.05 28.54 24.96
C ILE A 241 4.32 28.87 24.18
N ILE A 242 4.20 29.41 22.98
CA ILE A 242 5.34 29.88 22.21
C ILE A 242 5.03 31.31 21.75
N PRO A 243 6.05 32.15 21.50
CA PRO A 243 5.83 33.50 20.99
C PRO A 243 5.28 33.54 19.57
N GLU B 2 6.71 -13.84 -35.61
CA GLU B 2 7.51 -12.71 -36.04
C GLU B 2 6.97 -11.41 -35.46
N TRP B 3 7.83 -10.40 -35.37
CA TRP B 3 7.46 -9.11 -34.80
C TRP B 3 7.89 -7.98 -35.72
N GLN B 4 7.02 -6.99 -35.83
CA GLN B 4 7.26 -5.83 -36.68
C GLN B 4 7.08 -4.58 -35.84
N GLU B 5 8.02 -3.65 -35.95
CA GLU B 5 8.00 -2.40 -35.22
C GLU B 5 7.48 -1.30 -36.14
N ASN B 6 6.41 -0.64 -35.72
CA ASN B 6 5.78 0.45 -36.48
C ASN B 6 5.80 1.68 -35.56
N LYS B 7 6.85 2.49 -35.68
CA LYS B 7 6.96 3.66 -34.81
C LYS B 7 5.97 4.76 -35.19
N SER B 8 5.22 4.60 -36.29
CA SER B 8 4.18 5.57 -36.60
C SER B 8 3.13 5.61 -35.48
N TRP B 9 2.96 4.51 -34.76
CA TRP B 9 2.06 4.51 -33.61
C TRP B 9 2.57 5.40 -32.48
N ASN B 10 3.87 5.68 -32.43
CA ASN B 10 4.38 6.60 -31.40
C ASN B 10 3.61 7.91 -31.43
N ALA B 11 3.07 8.29 -32.58
CA ALA B 11 2.26 9.49 -32.68
C ALA B 11 1.10 9.46 -31.70
N HIS B 12 0.41 8.32 -31.62
CA HIS B 12 -0.76 8.22 -30.73
C HIS B 12 -0.39 8.51 -29.28
N PHE B 13 0.84 8.19 -28.86
CA PHE B 13 1.25 8.53 -27.50
C PHE B 13 1.68 9.99 -27.39
N THR B 14 2.54 10.46 -28.31
CA THR B 14 3.04 11.83 -28.22
C THR B 14 1.90 12.84 -28.33
N GLU B 15 0.92 12.59 -29.20
CA GLU B 15 -0.22 13.49 -29.32
C GLU B 15 -0.93 13.72 -28.01
N HIS B 16 -0.83 12.78 -27.06
CA HIS B 16 -1.40 12.95 -25.74
C HIS B 16 -0.33 13.25 -24.70
N LYS B 17 0.82 13.79 -25.11
CA LYS B 17 1.90 14.12 -24.20
C LYS B 17 2.22 12.94 -23.31
N SER B 18 2.25 11.74 -23.91
CA SER B 18 2.35 10.49 -23.18
C SER B 18 3.48 9.67 -23.76
N GLN B 19 3.84 8.62 -23.01
CA GLN B 19 4.83 7.65 -23.43
C GLN B 19 4.28 6.27 -23.10
N GLY B 20 4.45 5.34 -24.03
CA GLY B 20 3.96 4.00 -23.77
C GLY B 20 4.20 3.06 -24.93
N VAL B 21 3.59 1.90 -24.83
CA VAL B 21 3.72 0.85 -25.82
C VAL B 21 2.36 0.23 -26.07
N VAL B 22 2.08 -0.05 -27.34
CA VAL B 22 0.97 -0.89 -27.74
C VAL B 22 1.55 -2.09 -28.45
N VAL B 23 1.09 -3.28 -28.07
CA VAL B 23 1.46 -4.52 -28.73
C VAL B 23 0.19 -5.18 -29.23
N LEU B 24 0.17 -5.52 -30.52
CA LEU B 24 -0.93 -6.20 -31.19
C LEU B 24 -0.44 -7.54 -31.74
N TRP B 25 -1.32 -8.53 -31.70
CA TRP B 25 -1.04 -9.86 -32.24
C TRP B 25 -2.22 -10.31 -33.09
N ASN B 26 -1.97 -10.54 -34.38
CA ASN B 26 -2.95 -11.04 -35.33
C ASN B 26 -2.96 -12.56 -35.25
N GLU B 27 -4.04 -13.13 -34.69
CA GLU B 27 -4.04 -14.56 -34.43
C GLU B 27 -4.03 -15.37 -35.73
N ASN B 28 -4.82 -14.97 -36.73
CA ASN B 28 -4.85 -15.73 -37.99
C ASN B 28 -3.48 -15.78 -38.63
N LYS B 29 -2.81 -14.63 -38.72
CA LYS B 29 -1.52 -14.53 -39.40
C LYS B 29 -0.34 -14.83 -38.49
N GLN B 30 -0.57 -14.97 -37.18
CA GLN B 30 0.50 -15.23 -36.22
C GLN B 30 1.63 -14.22 -36.35
N GLN B 31 1.24 -12.95 -36.40
CA GLN B 31 2.17 -11.85 -36.55
C GLN B 31 1.87 -10.77 -35.52
N GLY B 32 2.93 -10.22 -34.97
CA GLY B 32 2.84 -9.19 -33.95
C GLY B 32 3.34 -7.85 -34.41
N PHE B 33 2.85 -6.78 -33.78
CA PHE B 33 3.18 -5.41 -34.13
C PHE B 33 3.25 -4.57 -32.88
N THR B 34 4.21 -3.64 -32.85
CA THR B 34 4.35 -2.76 -31.70
C THR B 34 5.06 -1.50 -32.14
N ASN B 35 4.87 -0.42 -31.37
CA ASN B 35 5.58 0.82 -31.63
C ASN B 35 6.98 0.84 -31.03
N ASN B 36 7.28 -0.06 -30.09
CA ASN B 36 8.51 0.05 -29.30
C ASN B 36 8.89 -1.35 -28.82
N LEU B 37 9.79 -2.00 -29.57
CA LEU B 37 10.17 -3.36 -29.22
C LEU B 37 10.80 -3.44 -27.84
N LYS B 38 11.59 -2.45 -27.46
CA LYS B 38 12.22 -2.50 -26.15
C LYS B 38 11.17 -2.42 -25.05
N ARG B 39 10.32 -1.40 -25.07
CA ARG B 39 9.34 -1.29 -24.00
C ARG B 39 8.33 -2.42 -24.03
N ALA B 40 8.03 -2.96 -25.22
CA ALA B 40 7.16 -4.13 -25.31
C ALA B 40 7.68 -5.28 -24.47
N ASN B 41 8.99 -5.35 -24.24
CA ASN B 41 9.59 -6.44 -23.48
C ASN B 41 10.09 -6.01 -22.11
N GLN B 42 9.80 -4.77 -21.69
CA GLN B 42 10.12 -4.31 -20.35
C GLN B 42 9.04 -4.77 -19.37
N ALA B 43 9.48 -5.25 -18.21
CA ALA B 43 8.57 -5.86 -17.25
C ALA B 43 8.10 -4.84 -16.21
N PHE B 44 6.79 -4.79 -15.99
CA PHE B 44 6.21 -3.88 -15.02
C PHE B 44 5.36 -4.65 -14.03
N LEU B 45 5.04 -4.00 -12.92
CA LEU B 45 4.02 -4.54 -12.03
C LEU B 45 2.72 -4.73 -12.81
N PRO B 46 2.06 -5.88 -12.70
CA PRO B 46 0.81 -6.07 -13.42
C PRO B 46 -0.35 -5.26 -12.83
N ALA B 47 -0.28 -4.92 -11.55
CA ALA B 47 -1.38 -4.27 -10.85
C ALA B 47 -2.67 -5.04 -11.15
N SER B 48 -3.77 -4.33 -11.45
CA SER B 48 -5.05 -4.99 -11.57
C SER B 48 -5.18 -5.89 -12.79
N THR B 49 -4.24 -5.86 -13.75
CA THR B 49 -4.29 -6.90 -14.78
C THR B 49 -4.08 -8.27 -14.15
N PHE B 50 -3.54 -8.32 -12.94
CA PHE B 50 -3.35 -9.57 -12.22
C PHE B 50 -4.67 -10.20 -11.81
N KCX B 51 -5.75 -9.44 -11.91
CA KCX B 51 -7.05 -10.00 -11.54
CB KCX B 51 -8.12 -8.88 -11.48
CG KCX B 51 -7.95 -7.98 -10.22
CD KCX B 51 -9.02 -6.91 -10.08
CE KCX B 51 -8.90 -6.14 -8.77
NZ KCX B 51 -7.66 -5.31 -8.78
C KCX B 51 -7.46 -11.12 -12.50
O KCX B 51 -8.27 -11.98 -12.15
CX KCX B 51 -6.55 -5.66 -8.14
OQ1 KCX B 51 -6.49 -6.69 -7.46
OQ2 KCX B 51 -5.56 -4.91 -8.21
N ILE B 52 -6.86 -11.16 -13.69
CA ILE B 52 -7.15 -12.27 -14.59
C ILE B 52 -6.61 -13.58 -14.01
N PRO B 53 -5.30 -13.69 -13.82
CA PRO B 53 -4.79 -14.94 -13.23
C PRO B 53 -5.34 -15.20 -11.84
N ASN B 54 -5.52 -14.15 -11.03
CA ASN B 54 -6.07 -14.32 -9.69
C ASN B 54 -7.47 -14.95 -9.74
N SER B 55 -8.33 -14.45 -10.64
CA SER B 55 -9.67 -15.02 -10.81
C SER B 55 -9.62 -16.49 -11.20
N LEU B 56 -8.75 -16.82 -12.17
CA LEU B 56 -8.60 -18.20 -12.64
C LEU B 56 -8.21 -19.13 -11.49
N ILE B 57 -7.25 -18.70 -10.68
CA ILE B 57 -6.76 -19.55 -9.59
C ILE B 57 -7.85 -19.70 -8.54
N ALA B 58 -8.49 -18.60 -8.16
CA ALA B 58 -9.55 -18.66 -7.15
C ALA B 58 -10.66 -19.61 -7.59
N LEU B 59 -11.05 -19.53 -8.87
CA LEU B 59 -12.10 -20.40 -9.37
C LEU B 59 -11.67 -21.86 -9.41
N ASP B 60 -10.45 -22.12 -9.87
CA ASP B 60 -10.06 -23.52 -10.04
C ASP B 60 -9.85 -24.20 -8.70
N LEU B 61 -9.50 -23.46 -7.67
CA LEU B 61 -9.31 -24.03 -6.35
C LEU B 61 -10.59 -24.05 -5.52
N GLY B 62 -11.69 -23.49 -6.03
CA GLY B 62 -12.91 -23.46 -5.26
C GLY B 62 -13.01 -22.33 -4.26
N VAL B 63 -12.03 -21.42 -4.22
CA VAL B 63 -12.14 -20.22 -3.39
C VAL B 63 -13.33 -19.40 -3.84
N VAL B 64 -13.55 -19.32 -5.16
CA VAL B 64 -14.74 -18.72 -5.74
C VAL B 64 -15.53 -19.84 -6.38
N LYS B 65 -16.79 -20.00 -5.95
CA LYS B 65 -17.61 -21.08 -6.45
C LYS B 65 -18.05 -20.81 -7.89
N ASP B 66 -18.52 -19.60 -8.17
CA ASP B 66 -18.93 -19.24 -9.51
C ASP B 66 -19.04 -17.72 -9.56
N GLU B 67 -19.45 -17.20 -10.71
CA GLU B 67 -19.48 -15.77 -10.95
C GLU B 67 -20.64 -15.07 -10.26
N HIS B 68 -21.51 -15.81 -9.56
CA HIS B 68 -22.62 -15.23 -8.81
C HIS B 68 -22.35 -15.12 -7.32
N GLN B 69 -21.35 -15.84 -6.81
CA GLN B 69 -21.03 -15.79 -5.39
C GLN B 69 -20.80 -14.36 -4.94
N VAL B 70 -21.53 -13.93 -3.92
N VAL B 70 -21.50 -13.95 -3.88
CA VAL B 70 -21.44 -12.57 -3.41
CA VAL B 70 -21.43 -12.59 -3.38
C VAL B 70 -20.30 -12.51 -2.40
C VAL B 70 -20.30 -12.49 -2.37
N PHE B 71 -19.41 -11.55 -2.59
CA PHE B 71 -18.33 -11.25 -1.66
C PHE B 71 -18.76 -9.99 -0.93
N LYS B 72 -19.13 -10.16 0.34
CA LYS B 72 -19.72 -9.08 1.11
C LYS B 72 -18.68 -8.02 1.42
N TRP B 73 -19.07 -6.76 1.27
CA TRP B 73 -18.23 -5.65 1.69
C TRP B 73 -17.89 -5.78 3.16
N ASP B 74 -16.62 -5.53 3.49
CA ASP B 74 -16.20 -5.68 4.88
C ASP B 74 -16.57 -4.49 5.76
N GLY B 75 -17.39 -3.56 5.27
CA GLY B 75 -17.83 -2.44 6.09
C GLY B 75 -16.77 -1.38 6.34
N GLN B 76 -15.61 -1.51 5.74
CA GLN B 76 -14.52 -0.53 5.85
C GLN B 76 -14.66 0.45 4.70
N THR B 77 -14.95 1.72 5.02
CA THR B 77 -15.14 2.72 3.96
C THR B 77 -13.81 3.04 3.30
N ARG B 78 -13.75 2.83 1.97
CA ARG B 78 -12.58 3.17 1.17
C ARG B 78 -12.94 4.30 0.22
N ASP B 79 -11.90 4.92 -0.35
CA ASP B 79 -12.10 6.14 -1.14
C ASP B 79 -12.70 5.87 -2.53
N ILE B 80 -12.80 4.63 -2.96
CA ILE B 80 -13.46 4.30 -4.22
C ILE B 80 -14.88 3.87 -3.89
N ALA B 81 -15.87 4.69 -4.28
CA ALA B 81 -17.24 4.46 -3.86
C ALA B 81 -17.75 3.08 -4.29
N THR B 82 -17.44 2.66 -5.51
CA THR B 82 -17.93 1.37 -5.98
C THR B 82 -17.33 0.20 -5.22
N TRP B 83 -16.27 0.44 -4.45
CA TRP B 83 -15.71 -0.61 -3.61
C TRP B 83 -16.49 -0.83 -2.32
N ASN B 84 -17.28 0.15 -1.90
CA ASN B 84 -17.99 0.08 -0.62
C ASN B 84 -19.37 -0.56 -0.81
N ARG B 85 -19.35 -1.77 -1.32
CA ARG B 85 -20.57 -2.51 -1.62
C ARG B 85 -20.23 -3.97 -1.85
N ASP B 86 -21.27 -4.80 -1.88
CA ASP B 86 -21.11 -6.21 -2.20
C ASP B 86 -20.73 -6.38 -3.67
N HIS B 87 -19.99 -7.45 -3.97
CA HIS B 87 -19.54 -7.72 -5.33
C HIS B 87 -19.62 -9.21 -5.62
N ASN B 88 -19.77 -9.53 -6.90
CA ASN B 88 -19.47 -10.85 -7.41
C ASN B 88 -18.27 -10.75 -8.35
N LEU B 89 -17.89 -11.88 -8.93
CA LEU B 89 -16.70 -11.89 -9.77
C LEU B 89 -16.83 -10.89 -10.92
N ILE B 90 -18.03 -10.80 -11.50
CA ILE B 90 -18.23 -9.90 -12.63
C ILE B 90 -18.00 -8.45 -12.22
N THR B 91 -18.67 -8.02 -11.14
CA THR B 91 -18.58 -6.62 -10.72
C THR B 91 -17.24 -6.32 -10.07
N ALA B 92 -16.63 -7.29 -9.38
CA ALA B 92 -15.31 -7.08 -8.80
C ALA B 92 -14.25 -6.83 -9.89
N MET B 93 -14.38 -7.50 -11.03
N MET B 93 -14.36 -7.54 -11.01
CA MET B 93 -13.45 -7.23 -12.13
CA MET B 93 -13.52 -7.28 -12.17
C MET B 93 -13.78 -5.92 -12.82
C MET B 93 -13.80 -5.90 -12.75
N LYS B 94 -15.08 -5.64 -13.01
CA LYS B 94 -15.50 -4.39 -13.66
C LYS B 94 -14.98 -3.17 -12.91
N TYR B 95 -15.12 -3.16 -11.59
CA TYR B 95 -14.71 -2.02 -10.80
C TYR B 95 -13.35 -2.21 -10.16
N SER B 96 -12.61 -3.24 -10.59
CA SER B 96 -11.25 -3.49 -10.16
C SER B 96 -11.11 -3.37 -8.65
N VAL B 97 -11.90 -4.19 -7.96
CA VAL B 97 -12.09 -4.07 -6.51
C VAL B 97 -10.96 -4.84 -5.83
N VAL B 98 -9.89 -4.10 -5.54
CA VAL B 98 -8.71 -4.70 -4.91
C VAL B 98 -9.05 -5.48 -3.64
N PRO B 99 -9.80 -4.93 -2.68
CA PRO B 99 -9.97 -5.66 -1.41
C PRO B 99 -10.63 -7.01 -1.57
N VAL B 100 -11.50 -7.20 -2.56
CA VAL B 100 -12.04 -8.52 -2.83
C VAL B 100 -10.92 -9.46 -3.29
N TYR B 101 -10.07 -8.98 -4.20
CA TYR B 101 -9.02 -9.85 -4.73
C TYR B 101 -7.91 -10.07 -3.70
N GLN B 102 -7.71 -9.12 -2.78
CA GLN B 102 -6.78 -9.38 -1.68
C GLN B 102 -7.27 -10.54 -0.83
N GLU B 103 -8.57 -10.61 -0.56
CA GLU B 103 -9.10 -11.75 0.18
C GLU B 103 -8.95 -13.05 -0.62
N PHE B 104 -9.23 -13.01 -1.93
CA PHE B 104 -8.93 -14.18 -2.77
C PHE B 104 -7.52 -14.67 -2.53
N ALA B 105 -6.55 -13.76 -2.60
CA ALA B 105 -5.15 -14.14 -2.53
C ALA B 105 -4.82 -14.78 -1.19
N ARG B 106 -5.36 -14.24 -0.09
CA ARG B 106 -5.12 -14.81 1.23
C ARG B 106 -5.67 -16.22 1.33
N GLN B 107 -6.84 -16.47 0.74
CA GLN B 107 -7.41 -17.81 0.79
C GLN B 107 -6.67 -18.77 -0.13
N ILE B 108 -6.18 -18.27 -1.28
CA ILE B 108 -5.35 -19.12 -2.13
C ILE B 108 -4.07 -19.51 -1.40
N GLY B 109 -3.40 -18.53 -0.80
CA GLY B 109 -2.18 -18.77 -0.06
C GLY B 109 -0.95 -18.71 -0.95
N GLU B 110 0.20 -18.44 -0.32
CA GLU B 110 1.45 -18.27 -1.06
C GLU B 110 1.79 -19.49 -1.90
N ALA B 111 1.75 -20.68 -1.29
CA ALA B 111 2.21 -21.89 -1.97
C ALA B 111 1.39 -22.16 -3.24
N ARG B 112 0.06 -22.14 -3.12
CA ARG B 112 -0.77 -22.43 -4.30
C ARG B 112 -0.68 -21.30 -5.32
N MET B 113 -0.56 -20.07 -4.85
CA MET B 113 -0.41 -18.95 -5.79
C MET B 113 0.87 -19.12 -6.60
N SER B 114 1.98 -19.45 -5.93
CA SER B 114 3.26 -19.63 -6.61
C SER B 114 3.19 -20.77 -7.62
N LYS B 115 2.63 -21.92 -7.24
CA LYS B 115 2.61 -23.04 -8.19
C LYS B 115 1.84 -22.66 -9.45
N MET B 116 0.73 -21.94 -9.30
CA MET B 116 -0.13 -21.69 -10.44
C MET B 116 0.46 -20.64 -11.37
N LEU B 117 1.15 -19.64 -10.83
CA LEU B 117 1.82 -18.70 -11.73
C LEU B 117 2.93 -19.38 -12.51
N HIS B 118 3.60 -20.37 -11.91
N HIS B 118 3.60 -20.37 -11.90
CA HIS B 118 4.58 -21.15 -12.66
CA HIS B 118 4.58 -21.17 -12.62
C HIS B 118 3.88 -22.00 -13.71
C HIS B 118 3.89 -22.01 -13.70
N ALA B 119 2.77 -22.64 -13.37
CA ALA B 119 2.02 -23.40 -14.36
C ALA B 119 1.51 -22.50 -15.48
N PHE B 120 1.18 -21.24 -15.18
CA PHE B 120 0.75 -20.28 -16.18
C PHE B 120 1.91 -19.67 -16.96
N ASP B 121 3.16 -19.90 -16.57
CA ASP B 121 4.29 -19.22 -17.21
C ASP B 121 4.10 -17.70 -17.16
N TYR B 122 3.56 -17.21 -16.04
CA TYR B 122 3.06 -15.84 -15.95
C TYR B 122 4.20 -14.91 -15.53
N GLY B 123 4.64 -14.06 -16.47
CA GLY B 123 5.65 -13.05 -16.16
C GLY B 123 6.91 -13.67 -15.59
N ASN B 124 7.50 -12.99 -14.61
CA ASN B 124 8.67 -13.52 -13.93
C ASN B 124 8.30 -14.53 -12.85
N GLU B 125 7.01 -14.86 -12.70
CA GLU B 125 6.55 -15.96 -11.84
C GLU B 125 6.95 -15.79 -10.38
N ASP B 126 7.25 -14.56 -9.97
CA ASP B 126 7.79 -14.27 -8.65
C ASP B 126 6.71 -13.59 -7.83
N ILE B 127 6.25 -14.23 -6.77
CA ILE B 127 5.24 -13.64 -5.88
C ILE B 127 5.89 -13.02 -4.64
N SER B 128 7.19 -12.72 -4.67
CA SER B 128 7.85 -12.15 -3.50
C SER B 128 7.11 -10.92 -3.01
N GLY B 129 7.00 -10.80 -1.69
CA GLY B 129 6.24 -9.73 -1.07
C GLY B 129 5.09 -10.29 -0.26
N ASN B 130 4.12 -9.44 0.09
CA ASN B 130 2.93 -9.88 0.81
C ASN B 130 1.96 -10.59 -0.13
N VAL B 131 1.44 -11.73 0.32
CA VAL B 131 0.56 -12.52 -0.54
C VAL B 131 -0.67 -11.72 -0.95
N ASP B 132 -1.07 -10.71 -0.16
CA ASP B 132 -2.27 -9.96 -0.51
C ASP B 132 -1.95 -8.61 -1.16
N SER B 133 -0.72 -8.40 -1.61
CA SER B 133 -0.46 -7.15 -2.34
C SER B 133 0.71 -7.24 -3.31
N PHE B 134 1.26 -8.44 -3.53
CA PHE B 134 2.51 -8.54 -4.28
C PHE B 134 2.35 -8.06 -5.72
N TRP B 135 1.14 -8.13 -6.28
CA TRP B 135 0.90 -7.60 -7.62
C TRP B 135 0.80 -6.08 -7.64
N LEU B 136 0.80 -5.44 -6.47
CA LEU B 136 0.80 -4.00 -6.38
C LEU B 136 2.13 -3.43 -5.92
N ASP B 137 2.85 -4.15 -5.06
CA ASP B 137 4.12 -3.63 -4.59
C ASP B 137 5.12 -4.73 -4.25
N GLY B 138 4.95 -5.92 -4.81
CA GLY B 138 5.86 -7.03 -4.60
C GLY B 138 6.81 -7.21 -5.77
N GLY B 139 7.29 -8.44 -5.92
CA GLY B 139 8.32 -8.72 -6.90
C GLY B 139 7.84 -9.15 -8.26
N ILE B 140 6.54 -9.37 -8.43
CA ILE B 140 6.03 -9.90 -9.69
C ILE B 140 6.10 -8.82 -10.77
N ARG B 141 6.50 -9.23 -11.97
CA ARG B 141 6.64 -8.35 -13.10
C ARG B 141 6.18 -9.08 -14.35
N ILE B 142 5.62 -8.35 -15.31
CA ILE B 142 5.19 -8.92 -16.57
C ILE B 142 5.34 -7.86 -17.65
N SER B 143 5.77 -8.29 -18.84
CA SER B 143 5.86 -7.39 -19.97
C SER B 143 4.60 -7.45 -20.84
N ALA B 144 4.47 -6.47 -21.73
CA ALA B 144 3.32 -6.45 -22.63
C ALA B 144 3.31 -7.66 -23.55
N THR B 145 4.47 -8.09 -24.05
CA THR B 145 4.49 -9.28 -24.88
C THR B 145 4.14 -10.53 -24.08
N GLU B 146 4.52 -10.55 -22.80
CA GLU B 146 4.17 -11.67 -21.92
C GLU B 146 2.67 -11.67 -21.59
N GLN B 147 2.05 -10.50 -21.49
CA GLN B 147 0.60 -10.46 -21.34
C GLN B 147 -0.07 -11.12 -22.54
N ILE B 148 0.43 -10.84 -23.75
CA ILE B 148 -0.15 -11.42 -24.95
C ILE B 148 -0.07 -12.94 -24.87
N SER B 149 1.12 -13.47 -24.57
CA SER B 149 1.32 -14.91 -24.54
C SER B 149 0.35 -15.55 -23.55
N PHE B 150 0.17 -14.93 -22.39
CA PHE B 150 -0.76 -15.45 -21.39
C PHE B 150 -2.19 -15.37 -21.89
N LEU B 151 -2.57 -14.23 -22.47
CA LEU B 151 -3.95 -14.08 -22.96
C LEU B 151 -4.25 -15.05 -24.08
N ARG B 152 -3.29 -15.31 -24.96
CA ARG B 152 -3.55 -16.26 -26.04
C ARG B 152 -3.87 -17.64 -25.47
N LYS B 153 -3.13 -18.05 -24.44
CA LYS B 153 -3.41 -19.32 -23.80
C LYS B 153 -4.82 -19.32 -23.22
N LEU B 154 -5.17 -18.25 -22.52
CA LEU B 154 -6.52 -18.14 -21.96
C LEU B 154 -7.57 -18.25 -23.05
N TYR B 155 -7.41 -17.48 -24.14
CA TYR B 155 -8.38 -17.52 -25.22
C TYR B 155 -8.61 -18.95 -25.71
N HIS B 156 -7.54 -19.73 -25.86
CA HIS B 156 -7.60 -21.08 -26.41
C HIS B 156 -7.85 -22.15 -25.35
N ASN B 157 -8.15 -21.75 -24.11
CA ASN B 157 -8.40 -22.68 -23.01
C ASN B 157 -7.21 -23.58 -22.74
N LYS B 158 -6.00 -23.07 -22.96
CA LYS B 158 -4.77 -23.85 -22.85
C LYS B 158 -4.04 -23.65 -21.53
N LEU B 159 -4.54 -22.82 -20.64
CA LEU B 159 -3.93 -22.71 -19.32
C LEU B 159 -4.24 -23.96 -18.48
N HIS B 160 -3.37 -24.22 -17.51
CA HIS B 160 -3.48 -25.43 -16.68
C HIS B 160 -4.49 -25.22 -15.54
N VAL B 161 -5.70 -24.84 -15.95
CA VAL B 161 -6.89 -24.86 -15.10
C VAL B 161 -8.02 -25.42 -15.95
N SER B 162 -9.17 -25.66 -15.31
CA SER B 162 -10.28 -26.26 -16.03
C SER B 162 -10.75 -25.34 -17.15
N GLU B 163 -11.38 -25.93 -18.17
CA GLU B 163 -12.06 -25.12 -19.17
C GLU B 163 -13.10 -24.21 -18.54
N ARG B 164 -13.84 -24.71 -17.54
CA ARG B 164 -14.85 -23.89 -16.87
C ARG B 164 -14.24 -22.62 -16.25
N SER B 165 -13.14 -22.77 -15.52
CA SER B 165 -12.50 -21.60 -14.92
C SER B 165 -12.13 -20.57 -15.98
N GLN B 166 -11.60 -21.03 -17.12
CA GLN B 166 -11.20 -20.10 -18.17
C GLN B 166 -12.41 -19.45 -18.82
N ARG B 167 -13.48 -20.22 -19.04
CA ARG B 167 -14.70 -19.64 -19.61
C ARG B 167 -15.27 -18.57 -18.68
N ILE B 168 -15.30 -18.84 -17.38
CA ILE B 168 -15.89 -17.88 -16.46
C ILE B 168 -15.09 -16.57 -16.46
N VAL B 169 -13.76 -16.67 -16.43
CA VAL B 169 -12.94 -15.45 -16.39
C VAL B 169 -13.10 -14.65 -17.67
N LYS B 170 -13.16 -15.33 -18.82
CA LYS B 170 -13.39 -14.62 -20.08
C LYS B 170 -14.76 -13.96 -20.10
N GLN B 171 -15.77 -14.58 -19.48
CA GLN B 171 -17.02 -13.87 -19.31
C GLN B 171 -16.79 -12.60 -18.48
N ALA B 172 -16.07 -12.75 -17.36
CA ALA B 172 -15.85 -11.61 -16.46
C ALA B 172 -14.99 -10.53 -17.10
N MET B 173 -14.21 -10.86 -18.12
CA MET B 173 -13.41 -9.87 -18.83
C MET B 173 -14.22 -9.04 -19.82
N LEU B 174 -15.48 -9.40 -20.07
CA LEU B 174 -16.28 -8.69 -21.08
C LEU B 174 -16.33 -7.20 -20.77
N THR B 175 -15.91 -6.39 -21.73
CA THR B 175 -15.83 -4.95 -21.58
C THR B 175 -16.77 -4.21 -22.53
N GLU B 176 -16.84 -4.64 -23.80
CA GLU B 176 -17.60 -3.94 -24.81
C GLU B 176 -18.06 -4.93 -25.85
N ALA B 177 -19.26 -4.74 -26.36
CA ALA B 177 -19.77 -5.60 -27.42
C ALA B 177 -20.79 -4.83 -28.23
N ASN B 178 -20.66 -4.92 -29.55
CA ASN B 178 -21.62 -4.33 -30.47
C ASN B 178 -21.67 -5.22 -31.70
N GLY B 179 -22.35 -4.75 -32.74
CA GLY B 179 -22.45 -5.52 -33.96
C GLY B 179 -21.15 -5.68 -34.72
N ASP B 180 -20.11 -4.94 -34.33
CA ASP B 180 -18.85 -4.97 -35.06
C ASP B 180 -17.75 -5.74 -34.37
N TYR B 181 -17.71 -5.74 -33.04
CA TYR B 181 -16.62 -6.40 -32.33
C TYR B 181 -17.03 -6.65 -30.88
N ILE B 182 -16.26 -7.53 -30.25
CA ILE B 182 -16.32 -7.79 -28.81
C ILE B 182 -14.93 -7.56 -28.25
N ILE B 183 -14.85 -6.82 -27.16
CA ILE B 183 -13.59 -6.63 -26.43
C ILE B 183 -13.71 -7.30 -25.07
N ARG B 184 -12.81 -8.22 -24.80
CA ARG B 184 -12.60 -8.77 -23.48
C ARG B 184 -11.23 -8.31 -23.01
N ALA B 185 -11.18 -7.70 -21.84
CA ALA B 185 -9.96 -7.00 -21.43
C ALA B 185 -10.00 -6.72 -19.93
N LYS B 186 -8.86 -6.25 -19.43
CA LYS B 186 -8.74 -5.81 -18.04
C LYS B 186 -7.78 -4.64 -17.99
N THR B 187 -8.19 -3.59 -17.28
CA THR B 187 -7.35 -2.42 -17.02
C THR B 187 -6.43 -2.65 -15.83
N GLY B 188 -5.38 -1.87 -15.78
CA GLY B 188 -4.48 -1.88 -14.65
C GLY B 188 -3.98 -0.48 -14.38
N TYR B 189 -3.63 -0.23 -13.11
CA TYR B 189 -3.12 1.08 -12.70
C TYR B 189 -2.09 0.85 -11.60
N SER B 190 -0.81 1.02 -11.92
CA SER B 190 0.27 0.76 -10.97
C SER B 190 0.84 2.07 -10.43
N THR B 191 0.74 2.29 -9.10
CA THR B 191 1.20 3.53 -8.50
C THR B 191 2.24 3.36 -7.40
N ARG B 192 2.37 2.17 -6.82
CA ARG B 192 3.18 2.02 -5.61
C ARG B 192 4.66 1.94 -5.90
N ILE B 193 5.06 1.64 -7.12
CA ILE B 193 6.47 1.56 -7.48
C ILE B 193 6.64 2.29 -8.80
N GLU B 194 7.70 3.09 -8.91
CA GLU B 194 7.95 3.83 -10.12
C GLU B 194 8.46 2.89 -11.22
N PRO B 195 8.15 3.18 -12.48
CA PRO B 195 7.32 4.30 -12.94
C PRO B 195 5.83 3.96 -12.82
N LYS B 196 5.02 4.94 -12.43
CA LYS B 196 3.58 4.74 -12.41
C LYS B 196 3.08 4.55 -13.84
N ILE B 197 2.27 3.50 -14.04
CA ILE B 197 1.81 3.16 -15.38
C ILE B 197 0.35 2.73 -15.34
N GLY B 198 -0.30 2.88 -16.49
CA GLY B 198 -1.59 2.27 -16.74
C GLY B 198 -1.41 1.14 -17.73
N TRP B 199 -2.25 0.12 -17.58
CA TRP B 199 -2.32 -1.04 -18.45
C TRP B 199 -3.70 -1.13 -19.07
N TRP B 200 -3.77 -1.67 -20.29
CA TRP B 200 -4.98 -2.27 -20.83
C TRP B 200 -4.58 -3.45 -21.68
N VAL B 201 -5.04 -4.65 -21.33
CA VAL B 201 -4.68 -5.88 -22.00
C VAL B 201 -5.96 -6.69 -22.26
N GLY B 202 -5.98 -7.40 -23.37
CA GLY B 202 -7.16 -8.19 -23.71
C GLY B 202 -7.14 -8.56 -25.19
N TRP B 203 -8.32 -8.62 -25.78
CA TRP B 203 -8.37 -8.90 -27.20
C TRP B 203 -9.68 -8.40 -27.78
N VAL B 204 -9.68 -8.30 -29.10
CA VAL B 204 -10.82 -7.85 -29.89
C VAL B 204 -11.26 -9.03 -30.74
N GLU B 205 -12.48 -9.48 -30.53
CA GLU B 205 -13.05 -10.57 -31.30
C GLU B 205 -13.80 -10.00 -32.50
N LEU B 206 -13.44 -10.45 -33.69
CA LEU B 206 -14.14 -10.17 -34.93
C LEU B 206 -14.77 -11.46 -35.44
N ASP B 207 -15.57 -11.32 -36.51
CA ASP B 207 -16.24 -12.48 -37.09
C ASP B 207 -15.26 -13.58 -37.48
N ASP B 208 -14.12 -13.22 -38.08
CA ASP B 208 -13.21 -14.20 -38.66
C ASP B 208 -11.76 -14.05 -38.17
N ASN B 209 -11.52 -13.35 -37.07
CA ASN B 209 -10.17 -13.17 -36.55
C ASN B 209 -10.25 -12.62 -35.13
N VAL B 210 -9.16 -12.74 -34.40
N VAL B 210 -9.16 -12.78 -34.39
CA VAL B 210 -9.05 -12.17 -33.05
CA VAL B 210 -8.99 -12.22 -33.06
C VAL B 210 -7.72 -11.44 -32.96
C VAL B 210 -7.70 -11.41 -33.04
N TRP B 211 -7.76 -10.21 -32.49
CA TRP B 211 -6.59 -9.36 -32.30
C TRP B 211 -6.35 -9.22 -30.80
N PHE B 212 -5.25 -9.79 -30.33
CA PHE B 212 -4.83 -9.58 -28.95
C PHE B 212 -4.07 -8.27 -28.82
N PHE B 213 -4.23 -7.61 -27.67
CA PHE B 213 -3.54 -6.35 -27.44
C PHE B 213 -3.06 -6.28 -26.00
N ALA B 214 -1.96 -5.57 -25.81
CA ALA B 214 -1.45 -5.25 -24.48
C ALA B 214 -0.76 -3.91 -24.59
N MET B 215 -1.19 -2.95 -23.78
CA MET B 215 -0.61 -1.63 -23.80
C MET B 215 -0.26 -1.21 -22.38
N ASN B 216 0.82 -0.47 -22.24
CA ASN B 216 1.05 0.24 -21.00
C ASN B 216 1.60 1.61 -21.34
N MET B 217 1.40 2.54 -20.42
CA MET B 217 1.77 3.92 -20.64
C MET B 217 2.07 4.57 -19.30
N ASP B 218 2.97 5.53 -19.33
CA ASP B 218 3.25 6.32 -18.14
C ASP B 218 1.97 7.01 -17.68
N MET B 219 1.77 7.03 -16.36
CA MET B 219 0.55 7.55 -15.75
C MET B 219 0.93 8.36 -14.52
N PRO B 220 1.47 9.56 -14.72
CA PRO B 220 1.90 10.37 -13.56
C PRO B 220 0.77 10.70 -12.61
N THR B 221 -0.44 10.90 -13.13
CA THR B 221 -1.62 11.16 -12.31
C THR B 221 -2.77 10.35 -12.86
N SER B 222 -3.79 10.17 -12.02
CA SER B 222 -5.00 9.45 -12.44
C SER B 222 -5.78 10.19 -13.51
N ASP B 223 -5.33 11.37 -13.95
CA ASP B 223 -6.11 12.16 -14.88
C ASP B 223 -6.06 11.60 -16.30
N GLY B 224 -5.00 10.88 -16.63
CA GLY B 224 -4.85 10.26 -17.94
C GLY B 224 -5.35 8.84 -18.04
N LEU B 225 -6.10 8.34 -17.06
CA LEU B 225 -6.48 6.93 -17.07
C LEU B 225 -7.30 6.56 -18.28
N GLY B 226 -8.19 7.46 -18.73
CA GLY B 226 -8.99 7.17 -19.91
C GLY B 226 -8.17 6.96 -21.15
N LEU B 227 -6.92 7.42 -21.17
CA LEU B 227 -6.08 7.26 -22.35
C LEU B 227 -5.68 5.80 -22.57
N ARG B 228 -5.73 4.97 -21.54
CA ARG B 228 -5.42 3.56 -21.75
C ARG B 228 -6.27 2.98 -22.87
N GLN B 229 -7.59 3.19 -22.78
CA GLN B 229 -8.50 2.68 -23.81
C GLN B 229 -8.53 3.57 -25.04
N ALA B 230 -8.44 4.89 -24.86
CA ALA B 230 -8.56 5.78 -26.01
C ALA B 230 -7.39 5.61 -26.97
N ILE B 231 -6.17 5.51 -26.45
CA ILE B 231 -5.00 5.32 -27.31
C ILE B 231 -5.07 3.97 -28.00
N THR B 232 -5.42 2.91 -27.26
CA THR B 232 -5.54 1.60 -27.85
C THR B 232 -6.54 1.60 -29.00
N LYS B 233 -7.70 2.24 -28.80
CA LYS B 233 -8.70 2.23 -29.84
C LYS B 233 -8.26 3.05 -31.06
N GLU B 234 -7.53 4.15 -30.86
CA GLU B 234 -7.02 4.91 -32.00
C GLU B 234 -6.09 4.05 -32.84
N VAL B 235 -5.24 3.25 -32.20
CA VAL B 235 -4.39 2.34 -32.95
C VAL B 235 -5.25 1.32 -33.70
N LEU B 236 -6.22 0.73 -33.00
CA LEU B 236 -7.11 -0.23 -33.64
C LEU B 236 -7.84 0.40 -34.83
N LYS B 237 -8.32 1.63 -34.68
CA LYS B 237 -8.95 2.30 -35.81
C LYS B 237 -7.96 2.53 -36.94
N GLN B 238 -6.76 3.03 -36.61
CA GLN B 238 -5.77 3.27 -37.65
C GLN B 238 -5.50 2.00 -38.45
N GLU B 239 -5.39 0.87 -37.76
CA GLU B 239 -5.13 -0.40 -38.41
C GLU B 239 -6.40 -1.04 -38.95
N LYS B 240 -7.53 -0.31 -38.95
CA LYS B 240 -8.78 -0.80 -39.51
C LYS B 240 -9.20 -2.12 -38.87
N ILE B 241 -8.82 -2.32 -37.61
CA ILE B 241 -9.32 -3.48 -36.86
C ILE B 241 -10.74 -3.20 -36.36
N ILE B 242 -11.04 -1.96 -35.99
CA ILE B 242 -12.39 -1.57 -35.62
C ILE B 242 -12.75 -0.30 -36.38
N PRO B 243 -14.05 -0.05 -36.59
CA PRO B 243 -14.48 1.19 -37.26
C PRO B 243 -14.14 2.43 -36.44
N GLU C 2 -11.17 12.74 35.41
CA GLU C 2 -12.48 12.57 34.76
C GLU C 2 -12.83 11.10 34.55
N TRP C 3 -11.82 10.25 34.36
CA TRP C 3 -12.03 8.84 34.12
C TRP C 3 -11.14 8.02 35.04
N GLN C 4 -11.71 6.93 35.56
CA GLN C 4 -10.99 6.01 36.44
C GLN C 4 -11.16 4.61 35.92
N GLU C 5 -10.05 3.86 35.92
CA GLU C 5 -10.04 2.48 35.46
C GLU C 5 -10.07 1.56 36.67
N ASN C 6 -11.04 0.66 36.71
CA ASN C 6 -11.21 -0.29 37.81
C ASN C 6 -11.15 -1.68 37.18
N LYS C 7 -9.96 -2.27 37.20
CA LYS C 7 -9.75 -3.57 36.59
C LYS C 7 -10.39 -4.72 37.37
N SER C 8 -10.86 -4.47 38.60
CA SER C 8 -11.55 -5.53 39.32
C SER C 8 -12.79 -5.99 38.58
N TRP C 9 -13.40 -5.10 37.79
CA TRP C 9 -14.55 -5.50 37.00
C TRP C 9 -14.20 -6.55 35.95
N ASN C 10 -12.93 -6.65 35.53
CA ASN C 10 -12.58 -7.66 34.55
C ASN C 10 -12.97 -9.06 35.00
N ALA C 11 -13.03 -9.29 36.31
CA ALA C 11 -13.44 -10.61 36.81
C ALA C 11 -14.80 -11.00 36.24
N HIS C 12 -15.74 -10.07 36.18
CA HIS C 12 -17.06 -10.37 35.68
C HIS C 12 -17.03 -10.87 34.25
N PHE C 13 -16.06 -10.43 33.45
CA PHE C 13 -15.93 -10.95 32.09
C PHE C 13 -15.18 -12.27 32.08
N THR C 14 -14.04 -12.33 32.77
CA THR C 14 -13.20 -13.53 32.76
C THR C 14 -13.94 -14.74 33.31
N GLU C 15 -14.76 -14.54 34.36
CA GLU C 15 -15.50 -15.66 34.94
C GLU C 15 -16.36 -16.37 33.89
N HIS C 16 -16.77 -15.67 32.84
CA HIS C 16 -17.52 -16.28 31.74
C HIS C 16 -16.65 -16.50 30.50
N LYS C 17 -15.33 -16.52 30.65
CA LYS C 17 -14.42 -16.64 29.52
C LYS C 17 -14.80 -15.68 28.39
N SER C 18 -15.17 -14.46 28.77
CA SER C 18 -15.57 -13.45 27.81
C SER C 18 -14.65 -12.25 27.92
N GLN C 19 -14.73 -11.40 26.91
CA GLN C 19 -13.98 -10.15 26.85
C GLN C 19 -14.94 -9.03 26.51
N GLY C 20 -14.78 -7.91 27.20
CA GLY C 20 -15.66 -6.78 26.94
C GLY C 20 -15.32 -5.62 27.85
N VAL C 21 -16.17 -4.60 27.79
CA VAL C 21 -15.98 -3.38 28.55
C VAL C 21 -17.31 -2.93 29.13
N VAL C 22 -17.28 -2.43 30.36
CA VAL C 22 -18.39 -1.71 30.96
C VAL C 22 -17.91 -0.29 31.23
N VAL C 23 -18.69 0.69 30.81
CA VAL C 23 -18.40 2.10 31.06
C VAL C 23 -19.58 2.66 31.84
N LEU C 24 -19.27 3.30 32.97
CA LEU C 24 -20.26 3.98 33.80
C LEU C 24 -19.92 5.46 33.87
N TRP C 25 -20.96 6.28 33.92
CA TRP C 25 -20.82 7.72 34.06
C TRP C 25 -21.76 8.22 35.15
N ASN C 26 -21.17 8.81 36.19
CA ASN C 26 -21.92 9.39 37.31
C ASN C 26 -22.30 10.82 36.94
N GLU C 27 -23.59 11.04 36.69
CA GLU C 27 -24.01 12.34 36.17
C GLU C 27 -23.81 13.45 37.20
N ASN C 28 -24.13 13.20 38.47
CA ASN C 28 -23.95 14.24 39.49
C ASN C 28 -22.50 14.67 39.58
N LYS C 29 -21.60 13.70 39.70
CA LYS C 29 -20.19 13.99 39.89
C LYS C 29 -19.43 14.18 38.58
N GLN C 30 -20.07 13.95 37.44
CA GLN C 30 -19.42 14.09 36.15
C GLN C 30 -18.11 13.30 36.12
N GLN C 31 -18.20 12.05 36.55
CA GLN C 31 -17.05 11.17 36.60
C GLN C 31 -17.39 9.86 35.93
N GLY C 32 -16.41 9.32 35.21
CA GLY C 32 -16.57 8.08 34.46
C GLY C 32 -15.73 6.98 35.07
N PHE C 33 -16.17 5.74 34.83
CA PHE C 33 -15.51 4.56 35.35
C PHE C 33 -15.61 3.43 34.33
N THR C 34 -14.52 2.69 34.17
CA THR C 34 -14.53 1.56 33.24
C THR C 34 -13.46 0.55 33.63
N ASN C 35 -13.67 -0.70 33.21
CA ASN C 35 -12.66 -1.72 33.43
C ASN C 35 -11.52 -1.65 32.42
N ASN C 36 -11.71 -0.94 31.30
CA ASN C 36 -10.76 -1.00 30.19
C ASN C 36 -10.91 0.31 29.43
N LEU C 37 -10.06 1.28 29.74
CA LEU C 37 -10.21 2.60 29.10
C LEU C 37 -10.01 2.53 27.60
N LYS C 38 -9.15 1.63 27.12
CA LYS C 38 -8.92 1.55 25.68
C LYS C 38 -10.15 1.04 24.94
N ARG C 39 -10.70 -0.10 25.37
CA ARG C 39 -11.88 -0.62 24.70
C ARG C 39 -13.08 0.29 24.93
N ALA C 40 -13.10 1.02 26.05
CA ALA C 40 -14.17 2.00 26.27
C ALA C 40 -14.26 2.98 25.12
N ASN C 41 -13.14 3.22 24.42
CA ASN C 41 -13.07 4.13 23.29
C ASN C 41 -12.95 3.40 21.97
N GLN C 42 -13.05 2.08 21.96
CA GLN C 42 -13.00 1.34 20.70
C GLN C 42 -14.37 1.38 20.03
N ALA C 43 -14.39 1.73 18.74
CA ALA C 43 -15.64 1.96 18.02
C ALA C 43 -16.03 0.71 17.26
N PHE C 44 -17.28 0.28 17.43
CA PHE C 44 -17.85 -0.90 16.79
C PHE C 44 -19.11 -0.52 16.03
N LEU C 45 -19.58 -1.44 15.19
CA LEU C 45 -20.91 -1.31 14.64
C LEU C 45 -21.91 -1.20 15.78
N PRO C 46 -22.85 -0.24 15.74
CA PRO C 46 -23.82 -0.13 16.84
C PRO C 46 -24.90 -1.20 16.81
N ALA C 47 -25.14 -1.81 15.66
CA ALA C 47 -26.21 -2.77 15.47
C ALA C 47 -27.50 -2.20 16.06
N SER C 48 -28.27 -3.01 16.79
CA SER C 48 -29.61 -2.58 17.19
C SER C 48 -29.62 -1.43 18.20
N THR C 49 -28.47 -1.06 18.81
CA THR C 49 -28.47 0.17 19.62
C THR C 49 -28.76 1.39 18.74
N PHE C 50 -28.59 1.24 17.42
CA PHE C 50 -28.90 2.30 16.47
C PHE C 50 -30.41 2.56 16.42
N KCX C 51 -31.19 1.69 17.04
CA KCX C 51 -32.64 1.92 17.02
CB KCX C 51 -33.39 0.68 17.51
CG KCX C 51 -33.41 -0.45 16.44
CD KCX C 51 -34.23 -1.70 16.82
CE KCX C 51 -34.32 -2.70 15.66
NZ KCX C 51 -32.97 -3.29 15.41
C KCX C 51 -33.00 3.18 17.81
O KCX C 51 -34.05 3.79 17.56
CX KCX C 51 -32.18 -2.90 14.42
OQ1 KCX C 51 -32.54 -2.03 13.62
OQ2 KCX C 51 -31.06 -3.42 14.28
N ILE C 52 -32.12 3.62 18.71
CA ILE C 52 -32.37 4.86 19.44
C ILE C 52 -32.34 6.08 18.49
N PRO C 53 -31.20 6.36 17.84
CA PRO C 53 -31.19 7.49 16.89
C PRO C 53 -32.17 7.30 15.73
N ASN C 54 -32.31 6.07 15.22
CA ASN C 54 -33.24 5.84 14.12
C ASN C 54 -34.68 6.19 14.54
N SER C 55 -35.08 5.80 15.75
CA SER C 55 -36.41 6.16 16.26
C SER C 55 -36.59 7.68 16.35
N LEU C 56 -35.58 8.36 16.89
CA LEU C 56 -35.64 9.81 17.04
C LEU C 56 -35.85 10.48 15.69
N ILE C 57 -35.10 10.03 14.68
CA ILE C 57 -35.17 10.65 13.36
C ILE C 57 -36.53 10.37 12.73
N ALA C 58 -36.98 9.12 12.81
CA ALA C 58 -38.27 8.78 12.24
C ALA C 58 -39.40 9.59 12.85
N LEU C 59 -39.37 9.79 14.17
CA LEU C 59 -40.41 10.57 14.83
C LEU C 59 -40.33 12.04 14.46
N ASP C 60 -39.12 12.59 14.42
CA ASP C 60 -39.01 14.03 14.19
C ASP C 60 -39.40 14.40 12.77
N LEU C 61 -39.21 13.50 11.81
CA LEU C 61 -39.58 13.75 10.43
C LEU C 61 -41.01 13.33 10.11
N GLY C 62 -41.71 12.73 11.07
CA GLY C 62 -43.07 12.29 10.81
C GLY C 62 -43.19 10.94 10.13
N VAL C 63 -42.09 10.22 9.93
CA VAL C 63 -42.16 8.86 9.42
C VAL C 63 -42.96 7.98 10.39
N VAL C 64 -42.77 8.21 11.68
CA VAL C 64 -43.57 7.61 12.74
C VAL C 64 -44.38 8.73 13.36
N LYS C 65 -45.70 8.55 13.38
CA LYS C 65 -46.60 9.59 13.91
C LYS C 65 -46.54 9.66 15.43
N ASP C 66 -46.62 8.51 16.10
CA ASP C 66 -46.54 8.44 17.54
C ASP C 66 -46.24 6.99 17.92
N GLU C 67 -46.22 6.73 19.22
CA GLU C 67 -45.84 5.41 19.69
C GLU C 67 -46.94 4.37 19.52
N HIS C 68 -48.13 4.77 19.05
CA HIS C 68 -49.22 3.83 18.83
C HIS C 68 -49.39 3.41 17.38
N GLN C 69 -48.80 4.13 16.42
CA GLN C 69 -48.93 3.78 15.02
C GLN C 69 -48.47 2.33 14.80
N VAL C 70 -49.33 1.56 14.13
N VAL C 70 -49.32 1.57 14.12
CA VAL C 70 -49.05 0.16 13.87
CA VAL C 70 -49.06 0.15 13.86
C VAL C 70 -48.29 0.05 12.55
C VAL C 70 -48.30 0.03 12.54
N PHE C 71 -47.22 -0.75 12.56
CA PHE C 71 -46.47 -1.11 11.37
C PHE C 71 -46.74 -2.59 11.10
N LYS C 72 -47.53 -2.85 10.07
CA LYS C 72 -48.01 -4.19 9.80
C LYS C 72 -46.88 -5.10 9.36
N TRP C 73 -46.94 -6.34 9.81
CA TRP C 73 -46.02 -7.37 9.33
C TRP C 73 -46.14 -7.50 7.82
N ASP C 74 -45.00 -7.61 7.15
CA ASP C 74 -44.97 -7.69 5.69
C ASP C 74 -45.25 -9.10 5.17
N GLY C 75 -45.68 -10.03 6.03
CA GLY C 75 -46.01 -11.38 5.62
C GLY C 75 -44.81 -12.24 5.29
N GLN C 76 -43.59 -11.73 5.45
CA GLN C 76 -42.36 -12.48 5.21
C GLN C 76 -41.97 -13.17 6.51
N THR C 77 -42.03 -14.49 6.54
CA THR C 77 -41.68 -15.23 7.75
C THR C 77 -40.18 -15.19 7.97
N ARG C 78 -39.76 -14.66 9.12
CA ARG C 78 -38.35 -14.53 9.48
C ARG C 78 -38.03 -15.41 10.68
N ASP C 79 -36.72 -15.57 10.94
CA ASP C 79 -36.26 -16.53 11.92
C ASP C 79 -36.64 -16.15 13.35
N ILE C 80 -37.00 -14.89 13.58
CA ILE C 80 -37.39 -14.41 14.90
C ILE C 80 -38.91 -14.34 14.94
N ALA C 81 -39.52 -15.21 15.75
CA ALA C 81 -40.97 -15.31 15.77
C ALA C 81 -41.62 -13.99 16.12
N THR C 82 -41.10 -13.28 17.12
N THR C 82 -41.08 -13.27 17.11
CA THR C 82 -41.70 -12.02 17.53
CA THR C 82 -41.68 -12.01 17.53
C THR C 82 -41.64 -10.95 16.44
C THR C 82 -41.64 -10.95 16.44
N TRP C 83 -40.83 -11.16 15.40
CA TRP C 83 -40.81 -10.23 14.28
C TRP C 83 -41.96 -10.45 13.32
N ASN C 84 -42.58 -11.64 13.35
CA ASN C 84 -43.61 -12.01 12.39
C ASN C 84 -45.01 -11.63 12.90
N ARG C 85 -45.16 -10.35 13.21
CA ARG C 85 -46.42 -9.84 13.73
C ARG C 85 -46.41 -8.33 13.60
N ASP C 86 -47.57 -7.73 13.82
CA ASP C 86 -47.69 -6.28 13.81
C ASP C 86 -46.92 -5.70 15.00
N HIS C 87 -46.44 -4.47 14.83
CA HIS C 87 -45.67 -3.79 15.87
C HIS C 87 -46.00 -2.32 15.90
N ASN C 88 -45.80 -1.71 17.06
CA ASN C 88 -45.66 -0.26 17.18
C ASN C 88 -44.23 0.05 17.61
N LEU C 89 -43.97 1.35 17.83
CA LEU C 89 -42.62 1.76 18.21
C LEU C 89 -42.18 1.10 19.51
N ILE C 90 -43.08 0.97 20.47
CA ILE C 90 -42.73 0.36 21.75
C ILE C 90 -42.34 -1.10 21.56
N THR C 91 -43.20 -1.87 20.88
CA THR C 91 -42.91 -3.29 20.72
C THR C 91 -41.78 -3.52 19.75
N ALA C 92 -41.64 -2.64 18.75
CA ALA C 92 -40.55 -2.78 17.79
C ALA C 92 -39.20 -2.64 18.48
N MET C 93 -39.08 -1.69 19.41
N MET C 93 -39.08 -1.64 19.37
CA MET C 93 -37.83 -1.56 20.15
CA MET C 93 -37.89 -1.50 20.21
C MET C 93 -37.65 -2.72 21.13
C MET C 93 -37.69 -2.73 21.07
N LYS C 94 -38.73 -3.12 21.81
CA LYS C 94 -38.65 -4.21 22.78
C LYS C 94 -38.11 -5.49 22.15
N TYR C 95 -38.62 -5.84 20.97
CA TYR C 95 -38.23 -7.07 20.30
C TYR C 95 -37.18 -6.82 19.22
N SER C 96 -36.63 -5.62 19.17
CA SER C 96 -35.55 -5.25 18.27
C SER C 96 -35.87 -5.71 16.84
N VAL C 97 -37.00 -5.21 16.33
CA VAL C 97 -37.57 -5.72 15.08
C VAL C 97 -36.87 -4.98 13.93
N VAL C 98 -35.79 -5.59 13.46
CA VAL C 98 -35.00 -5.00 12.37
C VAL C 98 -35.84 -4.60 11.16
N PRO C 99 -36.70 -5.46 10.61
CA PRO C 99 -37.38 -5.08 9.36
C PRO C 99 -38.23 -3.83 9.48
N VAL C 100 -38.82 -3.58 10.65
CA VAL C 100 -39.58 -2.34 10.83
C VAL C 100 -38.65 -1.13 10.75
N TYR C 101 -37.48 -1.22 11.38
CA TYR C 101 -36.55 -0.09 11.35
C TYR C 101 -35.87 0.05 10.01
N GLN C 102 -35.73 -1.05 9.26
CA GLN C 102 -35.25 -0.93 7.89
C GLN C 102 -36.22 -0.11 7.04
N GLU C 103 -37.53 -0.31 7.26
CA GLU C 103 -38.52 0.49 6.55
C GLU C 103 -38.42 1.97 6.96
N PHE C 104 -38.27 2.25 8.26
CA PHE C 104 -38.00 3.61 8.72
C PHE C 104 -36.85 4.23 7.94
N ALA C 105 -35.73 3.51 7.86
CA ALA C 105 -34.53 4.08 7.27
C ALA C 105 -34.75 4.40 5.80
N ARG C 106 -35.44 3.54 5.07
CA ARG C 106 -35.72 3.81 3.66
C ARG C 106 -36.56 5.07 3.51
N GLN C 107 -37.52 5.29 4.40
CA GLN C 107 -38.35 6.49 4.30
C GLN C 107 -37.59 7.73 4.74
N ILE C 108 -36.68 7.61 5.70
CA ILE C 108 -35.83 8.73 6.07
C ILE C 108 -34.95 9.13 4.90
N GLY C 109 -34.29 8.15 4.28
CA GLY C 109 -33.45 8.41 3.13
C GLY C 109 -32.03 8.78 3.53
N GLU C 110 -31.11 8.54 2.60
CA GLU C 110 -29.69 8.74 2.86
C GLU C 110 -29.41 10.17 3.29
N ALA C 111 -29.94 11.14 2.53
CA ALA C 111 -29.61 12.54 2.77
C ALA C 111 -30.00 12.96 4.18
N ARG C 112 -31.25 12.71 4.58
CA ARG C 112 -31.68 13.14 5.91
C ARG C 112 -31.03 12.33 7.01
N MET C 113 -30.77 11.04 6.78
CA MET C 113 -30.10 10.22 7.79
C MET C 113 -28.70 10.75 8.07
N SER C 114 -27.94 11.08 7.02
CA SER C 114 -26.60 11.59 7.22
C SER C 114 -26.61 12.90 7.98
N LYS C 115 -27.50 13.83 7.58
CA LYS C 115 -27.52 15.14 8.23
C LYS C 115 -27.88 15.02 9.70
N MET C 116 -28.80 14.10 10.04
N MET C 116 -28.81 14.11 10.03
CA MET C 116 -29.20 13.99 11.44
CA MET C 116 -29.24 13.94 11.42
C MET C 116 -28.14 13.32 12.30
C MET C 116 -28.11 13.36 12.27
N LEU C 117 -27.37 12.39 11.74
CA LEU C 117 -26.30 11.78 12.53
C LEU C 117 -25.14 12.75 12.73
N HIS C 118 -24.88 13.63 11.76
N HIS C 118 -24.89 13.63 11.76
CA HIS C 118 -23.92 14.70 12.01
CA HIS C 118 -23.94 14.71 11.99
C HIS C 118 -24.44 15.63 13.11
C HIS C 118 -24.45 15.64 13.09
N ALA C 119 -25.72 16.02 13.02
CA ALA C 119 -26.31 16.84 14.07
C ALA C 119 -26.29 16.14 15.42
N PHE C 120 -26.40 14.82 15.47
CA PHE C 120 -26.29 14.12 16.73
C PHE C 120 -24.85 13.93 17.20
N ASP C 121 -23.86 14.28 16.39
CA ASP C 121 -22.46 14.00 16.72
C ASP C 121 -22.27 12.52 17.01
N TYR C 122 -22.96 11.68 16.23
CA TYR C 122 -23.12 10.26 16.55
C TYR C 122 -21.97 9.46 15.95
N GLY C 123 -21.09 8.95 16.81
CA GLY C 123 -20.04 8.05 16.35
C GLY C 123 -19.19 8.69 15.28
N ASN C 124 -18.81 7.89 14.27
CA ASN C 124 -18.06 8.43 13.16
C ASN C 124 -18.96 9.06 12.10
N GLU C 125 -20.27 9.06 12.31
CA GLU C 125 -21.20 9.79 11.44
C GLU C 125 -21.15 9.28 10.00
N ASP C 126 -20.70 8.05 9.77
CA ASP C 126 -20.51 7.49 8.43
C ASP C 126 -21.62 6.48 8.16
N ILE C 127 -22.52 6.80 7.24
CA ILE C 127 -23.63 5.91 6.90
C ILE C 127 -23.35 5.10 5.64
N SER C 128 -22.07 4.98 5.25
CA SER C 128 -21.74 4.26 4.03
C SER C 128 -22.34 2.85 4.07
N GLY C 129 -22.88 2.42 2.94
CA GLY C 129 -23.56 1.15 2.86
C GLY C 129 -25.01 1.31 2.44
N ASN C 130 -25.82 0.28 2.67
CA ASN C 130 -27.25 0.36 2.37
C ASN C 130 -27.92 1.27 3.39
N VAL C 131 -28.78 2.16 2.89
CA VAL C 131 -29.47 3.07 3.80
C VAL C 131 -30.25 2.29 4.84
N ASP C 132 -30.64 1.06 4.53
CA ASP C 132 -31.44 0.24 5.43
C ASP C 132 -30.65 -0.88 6.10
N SER C 133 -29.31 -0.81 6.10
CA SER C 133 -28.56 -1.79 6.87
C SER C 133 -27.19 -1.32 7.34
N PHE C 134 -26.84 -0.05 7.17
CA PHE C 134 -25.48 0.40 7.45
C PHE C 134 -25.11 0.25 8.92
N TRP C 135 -26.09 0.27 9.83
CA TRP C 135 -25.78 0.07 11.25
C TRP C 135 -25.53 -1.39 11.59
N LEU C 136 -25.77 -2.30 10.65
CA LEU C 136 -25.51 -3.72 10.81
C LEU C 136 -24.33 -4.22 10.01
N ASP C 137 -24.08 -3.65 8.82
CA ASP C 137 -22.96 -4.11 8.02
C ASP C 137 -22.35 -3.01 7.15
N GLY C 138 -22.58 -1.75 7.49
CA GLY C 138 -22.00 -0.63 6.80
C GLY C 138 -20.84 -0.03 7.56
N GLY C 139 -20.57 1.24 7.31
CA GLY C 139 -19.39 1.92 7.80
C GLY C 139 -19.53 2.64 9.12
N ILE C 140 -20.72 2.70 9.72
CA ILE C 140 -20.89 3.49 10.93
C ILE C 140 -20.24 2.78 12.11
N ARG C 141 -19.58 3.54 12.97
CA ARG C 141 -18.89 2.99 14.13
C ARG C 141 -19.09 3.92 15.31
N ILE C 142 -19.26 3.34 16.50
CA ILE C 142 -19.43 4.13 17.71
C ILE C 142 -18.82 3.38 18.87
N SER C 143 -18.17 4.11 19.77
CA SER C 143 -17.58 3.52 20.97
C SER C 143 -18.55 3.64 22.15
N ALA C 144 -18.21 2.92 23.22
CA ALA C 144 -19.01 2.96 24.44
C ALA C 144 -19.05 4.35 25.04
N THR C 145 -17.91 5.06 25.06
CA THR C 145 -17.94 6.42 25.60
C THR C 145 -18.75 7.35 24.70
N GLU C 146 -18.76 7.11 23.40
CA GLU C 146 -19.55 7.92 22.49
C GLU C 146 -21.04 7.63 22.64
N GLN C 147 -21.40 6.38 22.95
CA GLN C 147 -22.79 6.05 23.28
C GLN C 147 -23.25 6.84 24.51
N ILE C 148 -22.43 6.91 25.55
CA ILE C 148 -22.81 7.67 26.74
C ILE C 148 -23.01 9.14 26.40
N SER C 149 -22.07 9.73 25.66
N SER C 149 -22.07 9.73 25.67
CA SER C 149 -22.18 11.13 25.27
CA SER C 149 -22.18 11.13 25.27
C SER C 149 -23.52 11.39 24.59
C SER C 149 -23.52 11.38 24.60
N PHE C 150 -23.87 10.52 23.63
CA PHE C 150 -25.13 10.66 22.92
C PHE C 150 -26.31 10.47 23.86
N LEU C 151 -26.26 9.45 24.72
CA LEU C 151 -27.36 9.20 25.65
C LEU C 151 -27.55 10.37 26.61
N ARG C 152 -26.45 10.99 27.05
CA ARG C 152 -26.58 12.12 27.96
C ARG C 152 -27.36 13.25 27.32
N LYS C 153 -27.12 13.53 26.04
CA LYS C 153 -27.89 14.54 25.35
C LYS C 153 -29.37 14.14 25.30
N LEU C 154 -29.64 12.88 24.93
CA LEU C 154 -31.02 12.41 24.89
C LEU C 154 -31.69 12.59 26.24
N TYR C 155 -31.02 12.16 27.32
CA TYR C 155 -31.59 12.27 28.65
C TYR C 155 -31.97 13.71 28.98
N HIS C 156 -31.12 14.67 28.58
CA HIS C 156 -31.36 16.07 28.88
C HIS C 156 -32.15 16.79 27.79
N ASN C 157 -32.66 16.06 26.81
CA ASN C 157 -33.42 16.63 25.70
C ASN C 157 -32.59 17.64 24.90
N LYS C 158 -31.29 17.40 24.79
CA LYS C 158 -30.41 18.34 24.10
C LYS C 158 -30.08 17.93 22.67
N LEU C 159 -30.61 16.82 22.18
CA LEU C 159 -30.41 16.48 20.78
C LEU C 159 -31.24 17.42 19.91
N HIS C 160 -30.78 17.61 18.66
CA HIS C 160 -31.42 18.53 17.74
C HIS C 160 -32.60 17.88 17.01
N VAL C 161 -33.52 17.40 17.82
CA VAL C 161 -34.86 17.02 17.43
C VAL C 161 -35.78 17.59 18.50
N SER C 162 -37.08 17.49 18.28
CA SER C 162 -38.04 18.07 19.21
C SER C 162 -37.95 17.37 20.56
N GLU C 163 -38.33 18.09 21.60
CA GLU C 163 -38.47 17.48 22.92
C GLU C 163 -39.43 16.29 22.87
N ARG C 164 -40.54 16.43 22.14
CA ARG C 164 -41.50 15.34 22.02
C ARG C 164 -40.85 14.07 21.48
N SER C 165 -40.08 14.19 20.39
CA SER C 165 -39.44 13.00 19.84
C SER C 165 -38.56 12.34 20.87
N GLN C 166 -37.80 13.12 21.63
CA GLN C 166 -36.89 12.54 22.62
C GLN C 166 -37.66 11.90 23.77
N ARG C 167 -38.75 12.52 24.23
CA ARG C 167 -39.55 11.90 25.26
C ARG C 167 -40.13 10.58 24.80
N ILE C 168 -40.63 10.52 23.57
CA ILE C 168 -41.23 9.27 23.08
C ILE C 168 -40.19 8.17 23.03
N VAL C 169 -38.98 8.47 22.54
CA VAL C 169 -37.95 7.43 22.45
C VAL C 169 -37.55 6.96 23.84
N LYS C 170 -37.42 7.88 24.80
CA LYS C 170 -37.08 7.45 26.15
C LYS C 170 -38.16 6.57 26.76
N GLN C 171 -39.43 6.84 26.43
CA GLN C 171 -40.50 5.93 26.81
C GLN C 171 -40.28 4.55 26.20
N ALA C 172 -39.98 4.51 24.89
CA ALA C 172 -39.75 3.24 24.22
C ALA C 172 -38.50 2.53 24.70
N MET C 173 -37.57 3.26 25.32
CA MET C 173 -36.38 2.63 25.88
C MET C 173 -36.63 1.96 27.23
N LEU C 174 -37.80 2.20 27.82
CA LEU C 174 -38.09 1.66 29.16
C LEU C 174 -37.92 0.15 29.16
N THR C 175 -37.05 -0.32 30.04
CA THR C 175 -36.69 -1.72 30.14
C THR C 175 -37.08 -2.34 31.47
N GLU C 176 -36.83 -1.63 32.57
CA GLU C 176 -37.12 -2.18 33.89
C GLU C 176 -37.41 -1.03 34.85
N ALA C 177 -38.34 -1.25 35.76
CA ALA C 177 -38.65 -0.26 36.78
C ALA C 177 -39.20 -0.97 38.00
N ASN C 178 -38.70 -0.57 39.17
CA ASN C 178 -39.15 -1.06 40.45
C ASN C 178 -39.01 0.08 41.45
N GLY C 179 -39.20 -0.23 42.73
CA GLY C 179 -39.10 0.79 43.75
C GLY C 179 -37.70 1.34 43.95
N ASP C 180 -36.68 0.72 43.37
CA ASP C 180 -35.29 1.12 43.58
C ASP C 180 -34.66 1.84 42.40
N TYR C 181 -35.08 1.54 41.16
CA TYR C 181 -34.43 2.15 40.01
C TYR C 181 -35.31 1.98 38.77
N ILE C 182 -34.98 2.77 37.75
CA ILE C 182 -35.56 2.65 36.42
C ILE C 182 -34.40 2.53 35.44
N ILE C 183 -34.48 1.55 34.55
CA ILE C 183 -33.49 1.39 33.48
C ILE C 183 -34.16 1.67 32.15
N ARG C 184 -33.62 2.63 31.43
CA ARG C 184 -33.95 2.88 30.03
C ARG C 184 -32.70 2.55 29.21
N ALA C 185 -32.86 1.65 28.24
CA ALA C 185 -31.70 1.06 27.60
C ALA C 185 -32.10 0.41 26.28
N LYS C 186 -31.09 -0.01 25.53
CA LYS C 186 -31.30 -0.75 24.29
C LYS C 186 -30.17 -1.77 24.11
N THR C 187 -30.55 -3.00 23.78
CA THR C 187 -29.57 -4.02 23.46
C THR C 187 -29.16 -3.93 22.00
N GLY C 188 -28.01 -4.52 21.71
CA GLY C 188 -27.54 -4.67 20.35
C GLY C 188 -26.76 -5.96 20.21
N TYR C 189 -26.81 -6.52 19.01
CA TYR C 189 -26.12 -7.78 18.72
C TYR C 189 -25.58 -7.67 17.31
N SER C 190 -24.27 -7.54 17.16
CA SER C 190 -23.63 -7.35 15.87
C SER C 190 -23.04 -8.67 15.41
N THR C 191 -23.56 -9.20 14.30
CA THR C 191 -23.14 -10.49 13.79
C THR C 191 -22.67 -10.47 12.35
N ARG C 192 -22.98 -9.43 11.58
CA ARG C 192 -22.75 -9.47 10.14
C ARG C 192 -21.30 -9.23 9.75
N ILE C 193 -20.54 -8.55 10.61
CA ILE C 193 -19.14 -8.25 10.36
C ILE C 193 -18.37 -8.52 11.65
N GLU C 194 -17.22 -9.17 11.53
CA GLU C 194 -16.42 -9.48 12.70
C GLU C 194 -15.83 -8.20 13.28
N PRO C 195 -15.59 -8.16 14.60
CA PRO C 195 -15.90 -9.20 15.58
C PRO C 195 -17.35 -9.17 16.05
N LYS C 196 -17.97 -10.34 16.20
CA LYS C 196 -19.32 -10.39 16.73
C LYS C 196 -19.33 -9.90 18.17
N ILE C 197 -20.21 -8.94 18.48
CA ILE C 197 -20.25 -8.34 19.81
C ILE C 197 -21.70 -8.14 20.24
N GLY C 198 -21.89 -8.06 21.55
CA GLY C 198 -23.14 -7.64 22.14
C GLY C 198 -22.99 -6.26 22.75
N TRP C 199 -24.07 -5.49 22.72
CA TRP C 199 -24.14 -4.16 23.30
C TRP C 199 -25.26 -4.13 24.35
N TRP C 200 -25.07 -3.29 25.37
CA TRP C 200 -26.19 -2.79 26.17
C TRP C 200 -25.84 -1.37 26.57
N VAL C 201 -26.69 -0.41 26.18
CA VAL C 201 -26.45 1.00 26.44
C VAL C 201 -27.71 1.63 27.00
N GLY C 202 -27.54 2.59 27.90
CA GLY C 202 -28.69 3.24 28.51
C GLY C 202 -28.30 3.93 29.79
N TRP C 203 -29.24 3.95 30.74
CA TRP C 203 -28.93 4.57 32.02
C TRP C 203 -29.85 4.03 33.10
N VAL C 204 -29.39 4.23 34.34
CA VAL C 204 -30.11 3.82 35.55
C VAL C 204 -30.54 5.10 36.27
N GLU C 205 -31.85 5.33 36.35
CA GLU C 205 -32.39 6.47 37.07
C GLU C 205 -32.55 6.11 38.54
N LEU C 206 -31.94 6.89 39.43
CA LEU C 206 -32.14 6.76 40.86
C LEU C 206 -32.89 8.00 41.37
N ASP C 207 -33.24 7.95 42.65
CA ASP C 207 -33.96 9.08 43.26
C ASP C 207 -33.19 10.38 43.06
N ASP C 208 -31.87 10.37 43.26
CA ASP C 208 -31.10 11.62 43.27
C ASP C 208 -29.91 11.62 42.32
N ASN C 209 -29.87 10.71 41.35
CA ASN C 209 -28.74 10.68 40.43
C ASN C 209 -29.12 9.79 39.26
N VAL C 210 -28.33 9.87 38.19
N VAL C 210 -28.32 9.89 38.19
CA VAL C 210 -28.50 8.98 37.05
CA VAL C 210 -28.46 9.04 37.01
C VAL C 210 -27.14 8.46 36.63
C VAL C 210 -27.09 8.45 36.70
N TRP C 211 -27.02 7.14 36.51
CA TRP C 211 -25.80 6.47 36.08
C TRP C 211 -26.01 6.02 34.64
N PHE C 212 -25.29 6.66 33.72
CA PHE C 212 -25.27 6.21 32.35
C PHE C 212 -24.31 5.04 32.21
N PHE C 213 -24.64 4.12 31.30
CA PHE C 213 -23.79 2.97 31.07
C PHE C 213 -23.78 2.60 29.59
N ALA C 214 -22.66 2.03 29.18
CA ALA C 214 -22.51 1.46 27.85
C ALA C 214 -21.53 0.31 27.99
N MET C 215 -21.96 -0.88 27.60
CA MET C 215 -21.13 -2.06 27.67
C MET C 215 -21.15 -2.75 26.32
N ASN C 216 -20.04 -3.37 25.96
CA ASN C 216 -20.02 -4.33 24.87
C ASN C 216 -19.06 -5.44 25.25
N MET C 217 -19.26 -6.59 24.61
CA MET C 217 -18.48 -7.78 24.90
C MET C 217 -18.45 -8.64 23.65
N ASP C 218 -17.36 -9.39 23.49
CA ASP C 218 -17.31 -10.35 22.40
C ASP C 218 -18.46 -11.36 22.56
N MET C 219 -19.08 -11.69 21.43
CA MET C 219 -20.28 -12.53 21.41
C MET C 219 -20.15 -13.54 20.26
N PRO C 220 -19.33 -14.57 20.44
CA PRO C 220 -19.16 -15.55 19.35
C PRO C 220 -20.43 -16.24 18.95
N THR C 221 -21.35 -16.49 19.89
CA THR C 221 -22.62 -17.12 19.60
C THR C 221 -23.76 -16.39 20.31
N SER C 222 -24.97 -16.61 19.80
CA SER C 222 -26.19 -16.00 20.33
C SER C 222 -26.55 -16.47 21.74
N ASP C 223 -25.73 -17.34 22.32
CA ASP C 223 -26.03 -17.97 23.60
C ASP C 223 -25.62 -17.15 24.82
N GLY C 224 -24.61 -16.31 24.69
CA GLY C 224 -24.18 -15.48 25.79
C GLY C 224 -24.87 -14.14 25.87
N LEU C 225 -25.97 -13.98 25.13
CA LEU C 225 -26.60 -12.67 25.01
C LEU C 225 -27.05 -12.15 26.37
N GLY C 226 -27.56 -13.03 27.23
CA GLY C 226 -28.00 -12.63 28.55
C GLY C 226 -26.89 -12.04 29.41
N LEU C 227 -25.64 -12.29 29.05
CA LEU C 227 -24.53 -11.73 29.81
C LEU C 227 -24.41 -10.22 29.63
N ARG C 228 -24.98 -9.68 28.55
CA ARG C 228 -24.93 -8.24 28.36
C ARG C 228 -25.52 -7.52 29.56
N GLN C 229 -26.74 -7.92 29.95
CA GLN C 229 -27.39 -7.31 31.09
C GLN C 229 -26.85 -7.88 32.40
N ALA C 230 -26.53 -9.17 32.43
CA ALA C 230 -26.12 -9.79 33.69
C ALA C 230 -24.78 -9.22 34.17
N ILE C 231 -23.82 -9.09 33.26
CA ILE C 231 -22.52 -8.53 33.65
C ILE C 231 -22.67 -7.07 34.05
N THR C 232 -23.45 -6.30 33.29
CA THR C 232 -23.68 -4.91 33.65
C THR C 232 -24.26 -4.80 35.06
N LYS C 233 -25.27 -5.61 35.38
CA LYS C 233 -25.91 -5.56 36.68
C LYS C 233 -24.97 -6.03 37.79
N GLU C 234 -24.12 -7.00 37.50
CA GLU C 234 -23.12 -7.41 38.48
C GLU C 234 -22.18 -6.25 38.83
N VAL C 235 -21.79 -5.47 37.82
CA VAL C 235 -20.98 -4.28 38.07
C VAL C 235 -21.76 -3.25 38.88
N LEU C 236 -22.99 -2.95 38.44
CA LEU C 236 -23.79 -1.98 39.17
C LEU C 236 -23.96 -2.38 40.62
N LYS C 237 -24.22 -3.67 40.87
CA LYS C 237 -24.35 -4.15 42.24
C LYS C 237 -23.05 -4.00 43.00
N GLN C 238 -21.93 -4.38 42.36
CA GLN C 238 -20.63 -4.25 43.01
C GLN C 238 -20.37 -2.82 43.44
N GLU C 239 -20.73 -1.85 42.59
CA GLU C 239 -20.54 -0.44 42.93
C GLU C 239 -21.67 0.13 43.78
N LYS C 240 -22.57 -0.72 44.27
CA LYS C 240 -23.67 -0.29 45.15
C LYS C 240 -24.54 0.76 44.48
N ILE C 241 -24.64 0.71 43.16
CA ILE C 241 -25.56 1.57 42.44
C ILE C 241 -26.96 0.98 42.50
N ILE C 242 -27.08 -0.34 42.49
CA ILE C 242 -28.37 -1.00 42.67
C ILE C 242 -28.18 -2.11 43.71
N PRO C 243 -29.26 -2.52 44.38
CA PRO C 243 -29.17 -3.63 45.33
C PRO C 243 -28.81 -4.95 44.67
N GLU D 2 13.40 -13.34 -35.00
CA GLU D 2 12.61 -13.80 -33.87
C GLU D 2 13.52 -14.23 -32.73
N TRP D 3 13.02 -15.10 -31.87
CA TRP D 3 13.77 -15.62 -30.73
C TRP D 3 13.50 -17.11 -30.58
N GLN D 4 14.55 -17.87 -30.26
CA GLN D 4 14.42 -19.30 -30.08
C GLN D 4 15.03 -19.67 -28.73
N GLU D 5 14.35 -20.53 -27.99
CA GLU D 5 14.82 -20.96 -26.68
C GLU D 5 15.47 -22.34 -26.80
N ASN D 6 16.72 -22.44 -26.34
CA ASN D 6 17.48 -23.69 -26.40
C ASN D 6 17.87 -24.05 -24.97
N LYS D 7 17.05 -24.87 -24.32
CA LYS D 7 17.35 -25.24 -22.95
C LYS D 7 18.52 -26.19 -22.80
N SER D 8 19.04 -26.77 -23.89
CA SER D 8 20.20 -27.63 -23.75
C SER D 8 21.39 -26.86 -23.17
N TRP D 9 21.47 -25.54 -23.40
CA TRP D 9 22.53 -24.74 -22.82
C TRP D 9 22.48 -24.70 -21.31
N ASN D 10 21.31 -24.96 -20.71
CA ASN D 10 21.20 -24.96 -19.26
C ASN D 10 22.19 -25.92 -18.62
N ALA D 11 22.58 -26.98 -19.34
CA ALA D 11 23.59 -27.90 -18.83
C ALA D 11 24.88 -27.17 -18.48
N HIS D 12 25.31 -26.25 -19.36
CA HIS D 12 26.57 -25.56 -19.11
C HIS D 12 26.53 -24.81 -17.79
N PHE D 13 25.34 -24.35 -17.38
CA PHE D 13 25.21 -23.72 -16.06
C PHE D 13 25.14 -24.77 -14.96
N THR D 14 24.31 -25.80 -15.14
CA THR D 14 24.16 -26.82 -14.10
C THR D 14 25.48 -27.53 -13.85
N GLU D 15 26.26 -27.79 -14.91
CA GLU D 15 27.53 -28.47 -14.73
C GLU D 15 28.43 -27.74 -13.75
N HIS D 16 28.26 -26.43 -13.60
CA HIS D 16 29.01 -25.63 -12.63
C HIS D 16 28.18 -25.16 -11.44
N LYS D 17 27.07 -25.83 -11.13
CA LYS D 17 26.24 -25.42 -10.01
C LYS D 17 25.94 -23.92 -10.08
N SER D 18 25.45 -23.50 -11.23
CA SER D 18 25.25 -22.08 -11.53
C SER D 18 23.89 -21.88 -12.17
N GLN D 19 23.41 -20.64 -12.10
CA GLN D 19 22.17 -20.22 -12.72
C GLN D 19 22.42 -18.92 -13.47
N GLY D 20 21.89 -18.82 -14.68
CA GLY D 20 22.09 -17.63 -15.47
C GLY D 20 21.45 -17.76 -16.83
N VAL D 21 21.80 -16.82 -17.71
CA VAL D 21 21.26 -16.78 -19.06
C VAL D 21 22.40 -16.42 -20.00
N VAL D 22 22.39 -17.04 -21.17
CA VAL D 22 23.20 -16.64 -22.31
C VAL D 22 22.25 -16.24 -23.43
N VAL D 23 22.49 -15.08 -24.03
CA VAL D 23 21.73 -14.61 -25.18
C VAL D 23 22.70 -14.40 -26.34
N LEU D 24 22.39 -14.99 -27.48
CA LEU D 24 23.15 -14.83 -28.70
C LEU D 24 22.26 -14.19 -29.77
N TRP D 25 22.88 -13.38 -30.63
CA TRP D 25 22.19 -12.76 -31.74
C TRP D 25 23.02 -12.94 -33.01
N ASN D 26 22.45 -13.61 -34.00
CA ASN D 26 23.08 -13.83 -35.30
C ASN D 26 22.78 -12.62 -36.17
N GLU D 27 23.80 -11.80 -36.43
CA GLU D 27 23.57 -10.54 -37.12
C GLU D 27 23.12 -10.77 -38.56
N ASN D 28 23.75 -11.70 -39.27
CA ASN D 28 23.36 -11.97 -40.65
C ASN D 28 21.90 -12.41 -40.74
N LYS D 29 21.51 -13.36 -39.88
CA LYS D 29 20.18 -13.95 -39.90
C LYS D 29 19.16 -13.17 -39.10
N GLN D 30 19.59 -12.17 -38.34
CA GLN D 30 18.68 -11.39 -37.50
C GLN D 30 17.83 -12.32 -36.62
N GLN D 31 18.51 -13.26 -35.97
CA GLN D 31 17.87 -14.27 -35.14
C GLN D 31 18.55 -14.33 -33.79
N GLY D 32 17.76 -14.48 -32.73
CA GLY D 32 18.27 -14.54 -31.37
C GLY D 32 18.09 -15.92 -30.79
N PHE D 33 18.95 -16.26 -29.83
CA PHE D 33 18.92 -17.57 -29.18
C PHE D 33 19.29 -17.40 -27.72
N THR D 34 18.59 -18.12 -26.84
CA THR D 34 18.89 -18.06 -25.43
C THR D 34 18.35 -19.32 -24.75
N ASN D 35 18.92 -19.63 -23.59
CA ASN D 35 18.44 -20.76 -22.79
C ASN D 35 17.22 -20.42 -21.95
N ASN D 36 16.92 -19.13 -21.77
CA ASN D 36 15.90 -18.70 -20.80
C ASN D 36 15.38 -17.35 -21.29
N LEU D 37 14.28 -17.39 -22.06
CA LEU D 37 13.76 -16.18 -22.67
C LEU D 37 13.35 -15.16 -21.61
N LYS D 38 12.84 -15.61 -20.47
CA LYS D 38 12.42 -14.68 -19.41
C LYS D 38 13.61 -13.95 -18.81
N ARG D 39 14.62 -14.69 -18.34
CA ARG D 39 15.78 -14.02 -17.74
C ARG D 39 16.52 -13.18 -18.77
N ALA D 40 16.49 -13.59 -20.05
CA ALA D 40 17.09 -12.78 -21.10
C ALA D 40 16.52 -11.37 -21.13
N ASN D 41 15.29 -11.20 -20.66
CA ASN D 41 14.63 -9.91 -20.63
C ASN D 41 14.55 -9.35 -19.22
N GLN D 42 15.16 -10.00 -18.26
CA GLN D 42 15.19 -9.47 -16.90
C GLN D 42 16.25 -8.39 -16.79
N ALA D 43 15.86 -7.23 -16.25
CA ALA D 43 16.76 -6.08 -16.21
C ALA D 43 17.50 -6.07 -14.88
N PHE D 44 18.81 -5.91 -14.95
CA PHE D 44 19.68 -5.85 -13.79
C PHE D 44 20.50 -4.57 -13.81
N LEU D 45 21.12 -4.27 -12.68
CA LEU D 45 22.17 -3.27 -12.65
C LEU D 45 23.26 -3.67 -13.65
N PRO D 46 23.73 -2.75 -14.50
CA PRO D 46 24.76 -3.12 -15.47
C PRO D 46 26.14 -3.30 -14.84
N ALA D 47 26.37 -2.71 -13.67
CA ALA D 47 27.69 -2.68 -13.03
C ALA D 47 28.74 -2.27 -14.07
N SER D 48 29.89 -2.96 -14.10
CA SER D 48 30.99 -2.49 -14.92
C SER D 48 30.72 -2.63 -16.42
N THR D 49 29.65 -3.30 -16.87
CA THR D 49 29.33 -3.21 -18.29
C THR D 49 28.96 -1.78 -18.68
N PHE D 50 28.63 -0.94 -17.71
CA PHE D 50 28.30 0.46 -17.94
C PHE D 50 29.54 1.22 -18.39
N KCX D 51 30.72 0.61 -18.27
CA KCX D 51 31.92 1.33 -18.71
CB KCX D 51 33.19 0.58 -18.27
CG KCX D 51 33.46 0.78 -16.76
CD KCX D 51 34.75 0.14 -16.25
CE KCX D 51 34.99 0.50 -14.78
NZ KCX D 51 33.96 -0.14 -13.92
C KCX D 51 31.90 1.59 -20.20
O KCX D 51 32.53 2.54 -20.67
CX KCX D 51 32.91 0.49 -13.39
OQ1 KCX D 51 32.11 -0.16 -12.70
OQ2 KCX D 51 32.74 1.72 -13.54
N ILE D 52 31.13 0.81 -20.96
CA ILE D 52 31.00 1.05 -22.39
C ILE D 52 30.30 2.39 -22.68
N PRO D 53 29.04 2.56 -22.27
CA PRO D 53 28.41 3.87 -22.50
C PRO D 53 29.12 5.01 -21.78
N ASN D 54 29.62 4.77 -20.57
CA ASN D 54 30.35 5.80 -19.85
C ASN D 54 31.59 6.27 -20.65
N SER D 55 32.32 5.32 -21.24
CA SER D 55 33.47 5.65 -22.08
C SER D 55 33.06 6.49 -23.29
N LEU D 56 31.97 6.07 -23.95
CA LEU D 56 31.48 6.78 -25.13
C LEU D 56 31.15 8.23 -24.79
N ILE D 57 30.45 8.45 -23.67
CA ILE D 57 30.05 9.80 -23.29
C ILE D 57 31.27 10.63 -22.93
N ALA D 58 32.16 10.08 -22.12
CA ALA D 58 33.37 10.82 -21.72
C ALA D 58 34.17 11.26 -22.94
N LEU D 59 34.32 10.37 -23.93
CA LEU D 59 35.08 10.72 -25.12
C LEU D 59 34.37 11.79 -25.94
N ASP D 60 33.05 11.67 -26.08
CA ASP D 60 32.36 12.59 -26.97
C ASP D 60 32.30 14.00 -26.40
N LEU D 61 32.31 14.13 -25.07
CA LEU D 61 32.28 15.42 -24.41
C LEU D 61 33.67 15.99 -24.15
N GLY D 62 34.72 15.25 -24.46
CA GLY D 62 36.06 15.72 -24.21
C GLY D 62 36.55 15.51 -22.79
N VAL D 63 35.80 14.83 -21.95
CA VAL D 63 36.30 14.48 -20.62
C VAL D 63 37.54 13.60 -20.76
N VAL D 64 37.53 12.70 -21.73
CA VAL D 64 38.69 11.91 -22.12
C VAL D 64 39.12 12.37 -23.51
N LYS D 65 40.39 12.76 -23.64
CA LYS D 65 40.90 13.28 -24.90
C LYS D 65 41.08 12.16 -25.92
N ASP D 66 41.73 11.08 -25.54
CA ASP D 66 41.93 9.94 -26.42
C ASP D 66 42.32 8.77 -25.54
N GLU D 67 42.60 7.64 -26.19
CA GLU D 67 42.87 6.40 -25.48
C GLU D 67 44.25 6.37 -24.84
N HIS D 68 45.08 7.40 -25.04
CA HIS D 68 46.40 7.48 -24.41
C HIS D 68 46.44 8.38 -23.18
N GLN D 69 45.44 9.25 -23.00
CA GLN D 69 45.44 10.15 -21.85
C GLN D 69 45.57 9.38 -20.55
N VAL D 70 46.50 9.79 -19.71
N VAL D 70 46.48 9.82 -19.70
CA VAL D 70 46.79 9.11 -18.46
CA VAL D 70 46.79 9.12 -18.45
C VAL D 70 45.91 9.68 -17.36
C VAL D 70 45.94 9.69 -17.32
N PHE D 71 45.29 8.80 -16.57
CA PHE D 71 44.49 9.17 -15.41
C PHE D 71 45.28 8.74 -14.18
N LYS D 72 45.84 9.70 -13.46
CA LYS D 72 46.75 9.38 -12.37
C LYS D 72 46.02 8.74 -11.20
N TRP D 73 46.64 7.73 -10.63
CA TRP D 73 46.13 7.15 -9.39
C TRP D 73 46.02 8.23 -8.32
N ASP D 74 44.91 8.23 -7.58
CA ASP D 74 44.69 9.23 -6.55
C ASP D 74 45.39 8.90 -5.24
N GLY D 75 46.29 7.91 -5.22
CA GLY D 75 47.04 7.57 -4.03
C GLY D 75 46.27 6.86 -2.95
N GLN D 76 45.00 6.53 -3.18
CA GLN D 76 44.17 5.81 -2.22
C GLN D 76 44.36 4.32 -2.48
N THR D 77 44.96 3.61 -1.52
CA THR D 77 45.17 2.18 -1.70
C THR D 77 43.82 1.48 -1.59
N ARG D 78 43.44 0.76 -2.64
CA ARG D 78 42.19 0.02 -2.69
C ARG D 78 42.47 -1.47 -2.75
N ASP D 79 41.42 -2.27 -2.53
CA ASP D 79 41.60 -3.71 -2.41
C ASP D 79 42.01 -4.37 -3.72
N ILE D 80 41.87 -3.68 -4.84
CA ILE D 80 42.25 -4.21 -6.14
C ILE D 80 43.60 -3.63 -6.52
N ALA D 81 44.63 -4.49 -6.56
CA ALA D 81 45.99 -4.03 -6.77
C ALA D 81 46.14 -3.29 -8.10
N THR D 82 45.55 -3.81 -9.17
N THR D 82 45.56 -3.81 -9.18
CA THR D 82 45.68 -3.16 -10.47
CA THR D 82 45.66 -3.18 -10.48
C THR D 82 44.99 -1.80 -10.53
C THR D 82 44.99 -1.80 -10.53
N TRP D 83 44.17 -1.46 -9.53
CA TRP D 83 43.57 -0.13 -9.48
C TRP D 83 44.51 0.92 -8.90
N ASN D 84 45.53 0.49 -8.17
CA ASN D 84 46.44 1.42 -7.49
C ASN D 84 47.64 1.77 -8.39
N ARG D 85 47.32 2.31 -9.56
CA ARG D 85 48.34 2.69 -10.52
C ARG D 85 47.70 3.61 -11.55
N ASP D 86 48.56 4.23 -12.36
CA ASP D 86 48.06 5.08 -13.43
C ASP D 86 47.39 4.22 -14.50
N HIS D 87 46.42 4.81 -15.19
CA HIS D 87 45.66 4.11 -16.21
C HIS D 87 45.35 5.04 -17.37
N ASN D 88 45.16 4.45 -18.53
CA ASN D 88 44.49 5.10 -19.64
C ASN D 88 43.17 4.38 -19.90
N LEU D 89 42.47 4.80 -20.95
CA LEU D 89 41.16 4.23 -21.24
C LEU D 89 41.26 2.73 -21.49
N ILE D 90 42.30 2.29 -22.20
CA ILE D 90 42.44 0.88 -22.52
C ILE D 90 42.63 0.07 -21.25
N THR D 91 43.60 0.46 -20.42
CA THR D 91 43.87 -0.32 -19.22
C THR D 91 42.75 -0.16 -18.20
N ALA D 92 42.10 1.02 -18.16
CA ALA D 92 40.98 1.22 -17.24
C ALA D 92 39.85 0.24 -17.56
N MET D 93 39.53 0.05 -18.84
N MET D 93 39.51 0.09 -18.83
CA MET D 93 38.51 -0.92 -19.19
CA MET D 93 38.54 -0.92 -19.24
C MET D 93 39.01 -2.34 -18.93
C MET D 93 39.04 -2.31 -18.87
N LYS D 94 40.29 -2.60 -19.21
CA LYS D 94 40.84 -3.94 -19.05
C LYS D 94 40.73 -4.40 -17.60
N TYR D 95 41.10 -3.53 -16.66
CA TYR D 95 41.10 -3.87 -15.25
C TYR D 95 39.86 -3.34 -14.54
N SER D 96 38.87 -2.88 -15.30
CA SER D 96 37.59 -2.45 -14.78
C SER D 96 37.77 -1.53 -13.57
N VAL D 97 38.50 -0.43 -13.81
CA VAL D 97 38.97 0.45 -12.74
C VAL D 97 37.83 1.42 -12.42
N VAL D 98 37.00 1.02 -11.44
CA VAL D 98 35.85 1.84 -11.03
C VAL D 98 36.24 3.28 -10.74
N PRO D 99 37.25 3.56 -9.90
CA PRO D 99 37.48 4.96 -9.51
C PRO D 99 37.80 5.89 -10.67
N VAL D 100 38.42 5.39 -11.74
CA VAL D 100 38.65 6.22 -12.91
C VAL D 100 37.32 6.61 -13.55
N TYR D 101 36.41 5.64 -13.68
CA TYR D 101 35.13 5.93 -14.32
C TYR D 101 34.21 6.74 -13.42
N GLN D 102 34.37 6.63 -12.10
CA GLN D 102 33.63 7.51 -11.21
C GLN D 102 34.04 8.96 -11.44
N GLU D 103 35.34 9.21 -11.65
CA GLU D 103 35.78 10.57 -11.96
C GLU D 103 35.20 11.05 -13.30
N PHE D 104 35.19 10.17 -14.31
CA PHE D 104 34.51 10.50 -15.57
C PHE D 104 33.09 10.97 -15.32
N ALA D 105 32.32 10.18 -14.54
CA ALA D 105 30.90 10.46 -14.35
C ALA D 105 30.69 11.81 -13.69
N ARG D 106 31.52 12.13 -12.69
CA ARG D 106 31.39 13.42 -12.02
C ARG D 106 31.63 14.57 -13.01
N GLN D 107 32.59 14.41 -13.90
CA GLN D 107 32.88 15.45 -14.88
C GLN D 107 31.78 15.50 -15.95
N ILE D 108 31.18 14.36 -16.27
CA ILE D 108 30.03 14.35 -17.19
C ILE D 108 28.85 15.10 -16.56
N GLY D 109 28.52 14.76 -15.32
CA GLY D 109 27.43 15.42 -14.63
C GLY D 109 26.09 14.75 -14.89
N GLU D 110 25.17 14.95 -13.93
CA GLU D 110 23.87 14.29 -13.98
C GLU D 110 23.11 14.62 -15.26
N ALA D 111 23.06 15.89 -15.63
CA ALA D 111 22.25 16.31 -16.77
C ALA D 111 22.71 15.66 -18.06
N ARG D 112 24.01 15.76 -18.37
CA ARG D 112 24.49 15.20 -19.63
C ARG D 112 24.47 13.68 -19.61
N MET D 113 24.74 13.05 -18.46
CA MET D 113 24.66 11.60 -18.37
C MET D 113 23.23 11.13 -18.67
N SER D 114 22.25 11.79 -18.07
CA SER D 114 20.86 11.39 -18.28
C SER D 114 20.46 11.55 -19.73
N LYS D 115 20.81 12.68 -20.36
CA LYS D 115 20.43 12.91 -21.74
C LYS D 115 21.05 11.88 -22.68
N MET D 116 22.34 11.57 -22.46
N MET D 116 22.32 11.55 -22.46
CA MET D 116 23.04 10.64 -23.35
CA MET D 116 23.00 10.64 -23.39
C MET D 116 22.45 9.24 -23.28
C MET D 116 22.49 9.22 -23.27
N LEU D 117 22.10 8.78 -22.08
CA LEU D 117 21.54 7.45 -21.95
C LEU D 117 20.18 7.37 -22.62
N HIS D 118 19.40 8.44 -22.56
CA HIS D 118 18.17 8.50 -23.34
C HIS D 118 18.47 8.41 -24.83
N ALA D 119 19.45 9.19 -25.31
CA ALA D 119 19.82 9.12 -26.72
C ALA D 119 20.29 7.71 -27.10
N PHE D 120 20.93 7.01 -26.18
CA PHE D 120 21.36 5.63 -26.41
C PHE D 120 20.24 4.62 -26.27
N ASP D 121 19.06 5.03 -25.80
CA ASP D 121 17.96 4.10 -25.55
C ASP D 121 18.42 2.99 -24.60
N TYR D 122 19.23 3.36 -23.61
CA TYR D 122 19.98 2.42 -22.79
C TYR D 122 19.16 1.99 -21.58
N GLY D 123 18.69 0.75 -21.60
CA GLY D 123 17.99 0.19 -20.44
C GLY D 123 16.78 1.00 -20.07
N ASN D 124 16.56 1.17 -18.77
CA ASN D 124 15.47 2.01 -18.30
C ASN D 124 15.83 3.48 -18.25
N GLU D 125 17.03 3.86 -18.66
CA GLU D 125 17.43 5.27 -18.78
C GLU D 125 17.36 6.03 -17.47
N ASP D 126 17.34 5.32 -16.33
CA ASP D 126 17.15 5.93 -15.01
C ASP D 126 18.50 5.96 -14.29
N ILE D 127 19.04 7.15 -14.10
CA ILE D 127 20.33 7.32 -13.43
C ILE D 127 20.17 7.69 -11.95
N SER D 128 18.99 7.42 -11.36
CA SER D 128 18.76 7.80 -9.97
C SER D 128 19.84 7.25 -9.06
N GLY D 129 20.27 8.06 -8.09
CA GLY D 129 21.35 7.70 -7.21
C GLY D 129 22.53 8.65 -7.33
N ASN D 130 23.70 8.23 -6.86
CA ASN D 130 24.90 9.06 -7.02
C ASN D 130 25.34 9.05 -8.47
N VAL D 131 25.67 10.23 -9.00
CA VAL D 131 26.10 10.34 -10.39
C VAL D 131 27.30 9.46 -10.64
N ASP D 132 28.09 9.17 -9.60
CA ASP D 132 29.31 8.38 -9.73
C ASP D 132 29.16 6.96 -9.18
N SER D 133 27.93 6.48 -8.99
CA SER D 133 27.76 5.08 -8.60
C SER D 133 26.42 4.49 -9.04
N PHE D 134 25.60 5.18 -9.83
CA PHE D 134 24.24 4.68 -10.08
C PHE D 134 24.26 3.36 -10.84
N TRP D 135 25.31 3.09 -11.63
CA TRP D 135 25.39 1.81 -12.33
C TRP D 135 25.80 0.65 -11.42
N LEU D 136 26.18 0.94 -10.19
CA LEU D 136 26.55 -0.06 -9.19
C LEU D 136 25.53 -0.22 -8.08
N ASP D 137 24.85 0.86 -7.69
CA ASP D 137 23.86 0.76 -6.61
C ASP D 137 22.73 1.76 -6.75
N GLY D 138 22.48 2.30 -7.94
CA GLY D 138 21.40 3.20 -8.21
C GLY D 138 20.24 2.54 -8.91
N GLY D 139 19.49 3.33 -9.67
CA GLY D 139 18.24 2.87 -10.26
C GLY D 139 18.32 2.35 -11.68
N ILE D 140 19.47 2.42 -12.33
CA ILE D 140 19.54 2.03 -13.73
C ILE D 140 19.46 0.51 -13.84
N ARG D 141 18.72 0.03 -14.85
CA ARG D 141 18.54 -1.39 -15.07
C ARG D 141 18.56 -1.65 -16.56
N ILE D 142 19.17 -2.76 -16.95
CA ILE D 142 19.26 -3.16 -18.36
C ILE D 142 19.22 -4.69 -18.40
N SER D 143 18.51 -5.23 -19.38
CA SER D 143 18.45 -6.67 -19.59
C SER D 143 19.52 -7.09 -20.61
N ALA D 144 19.69 -8.41 -20.73
CA ALA D 144 20.64 -8.95 -21.70
C ALA D 144 20.25 -8.63 -23.13
N THR D 145 18.95 -8.73 -23.46
CA THR D 145 18.52 -8.38 -24.81
C THR D 145 18.71 -6.89 -25.08
N GLU D 146 18.57 -6.06 -24.04
CA GLU D 146 18.79 -4.63 -24.19
C GLU D 146 20.27 -4.31 -24.35
N GLN D 147 21.14 -5.07 -23.69
CA GLN D 147 22.58 -4.92 -23.92
C GLN D 147 22.91 -5.20 -25.39
N ILE D 148 22.35 -6.27 -25.95
CA ILE D 148 22.59 -6.60 -27.36
C ILE D 148 22.09 -5.49 -28.27
N SER D 149 20.89 -4.99 -28.02
N SER D 149 20.89 -4.99 -28.02
CA SER D 149 20.38 -3.88 -28.81
CA SER D 149 20.37 -3.88 -28.80
C SER D 149 21.34 -2.70 -28.79
C SER D 149 21.34 -2.71 -28.80
N PHE D 150 21.86 -2.37 -27.61
CA PHE D 150 22.81 -1.28 -27.49
C PHE D 150 24.11 -1.59 -28.22
N LEU D 151 24.63 -2.81 -28.06
CA LEU D 151 25.89 -3.16 -28.70
C LEU D 151 25.78 -3.16 -30.22
N ARG D 152 24.65 -3.61 -30.75
CA ARG D 152 24.48 -3.62 -32.19
C ARG D 152 24.58 -2.20 -32.75
N LYS D 153 24.01 -1.21 -32.06
CA LYS D 153 24.18 0.16 -32.53
C LYS D 153 25.66 0.57 -32.48
N LEU D 154 26.33 0.26 -31.38
CA LEU D 154 27.75 0.57 -31.27
C LEU D 154 28.54 -0.06 -32.42
N TYR D 155 28.30 -1.35 -32.68
CA TYR D 155 29.02 -2.04 -33.75
C TYR D 155 28.86 -1.31 -35.08
N HIS D 156 27.65 -0.82 -35.37
CA HIS D 156 27.38 -0.17 -36.64
C HIS D 156 27.62 1.34 -36.61
N ASN D 157 28.22 1.85 -35.55
CA ASN D 157 28.48 3.29 -35.39
C ASN D 157 27.18 4.09 -35.43
N LYS D 158 26.10 3.52 -34.93
CA LYS D 158 24.79 4.17 -34.97
C LYS D 158 24.38 4.86 -33.68
N LEU D 159 25.20 4.80 -32.63
CA LEU D 159 24.88 5.58 -31.44
C LEU D 159 25.08 7.05 -31.74
N HIS D 160 24.35 7.90 -31.01
CA HIS D 160 24.36 9.33 -31.28
C HIS D 160 25.55 10.00 -30.58
N VAL D 161 26.73 9.49 -30.92
CA VAL D 161 28.00 10.13 -30.62
C VAL D 161 28.85 10.04 -31.89
N SER D 162 30.01 10.69 -31.87
CA SER D 162 30.84 10.71 -33.05
C SER D 162 31.29 9.30 -33.41
N GLU D 163 31.59 9.09 -34.69
CA GLU D 163 32.18 7.82 -35.12
C GLU D 163 33.48 7.55 -34.37
N ARG D 164 34.29 8.59 -34.18
CA ARG D 164 35.57 8.44 -33.50
C ARG D 164 35.38 7.87 -32.10
N SER D 165 34.46 8.44 -31.33
CA SER D 165 34.21 7.95 -29.97
C SER D 165 33.87 6.46 -30.00
N GLN D 166 33.02 6.05 -30.95
CA GLN D 166 32.61 4.66 -31.01
C GLN D 166 33.78 3.77 -31.42
N ARG D 167 34.59 4.22 -32.37
CA ARG D 167 35.76 3.42 -32.75
C ARG D 167 36.71 3.26 -31.56
N ILE D 168 36.93 4.33 -30.81
CA ILE D 168 37.88 4.25 -29.68
C ILE D 168 37.37 3.27 -28.63
N VAL D 169 36.07 3.32 -28.32
CA VAL D 169 35.54 2.41 -27.30
C VAL D 169 35.62 0.96 -27.77
N LYS D 170 35.30 0.70 -29.04
CA LYS D 170 35.40 -0.67 -29.55
C LYS D 170 36.85 -1.17 -29.50
N GLN D 171 37.81 -0.28 -29.74
CA GLN D 171 39.20 -0.66 -29.52
C GLN D 171 39.44 -1.04 -28.06
N ALA D 172 38.94 -0.22 -27.14
CA ALA D 172 39.13 -0.49 -25.71
C ALA D 172 38.39 -1.74 -25.26
N MET D 173 37.36 -2.16 -25.99
CA MET D 173 36.64 -3.37 -25.66
C MET D 173 37.36 -4.64 -26.09
N LEU D 174 38.43 -4.50 -26.88
CA LEU D 174 39.13 -5.68 -27.41
C LEU D 174 39.58 -6.59 -26.28
N THR D 175 39.13 -7.83 -26.32
CA THR D 175 39.41 -8.79 -25.27
C THR D 175 40.28 -9.94 -25.77
N GLU D 176 39.98 -10.48 -26.94
CA GLU D 176 40.70 -11.63 -27.45
C GLU D 176 40.66 -11.62 -28.97
N ALA D 177 41.75 -12.06 -29.60
CA ALA D 177 41.79 -12.15 -31.05
C ALA D 177 42.81 -13.21 -31.45
N ASN D 178 42.42 -14.04 -32.42
CA ASN D 178 43.28 -15.06 -32.98
C ASN D 178 42.88 -15.24 -34.43
N GLY D 179 43.42 -16.27 -35.08
CA GLY D 179 43.10 -16.51 -36.47
C GLY D 179 41.66 -16.90 -36.73
N ASP D 180 40.89 -17.22 -35.68
CA ASP D 180 39.53 -17.69 -35.83
C ASP D 180 38.46 -16.68 -35.47
N TYR D 181 38.73 -15.77 -34.53
CA TYR D 181 37.69 -14.84 -34.12
C TYR D 181 38.32 -13.67 -33.37
N ILE D 182 37.53 -12.62 -33.24
CA ILE D 182 37.82 -11.46 -32.40
C ILE D 182 36.64 -11.30 -31.45
N ILE D 183 36.92 -11.12 -30.17
CA ILE D 183 35.92 -10.81 -29.15
C ILE D 183 36.18 -9.41 -28.64
N ARG D 184 35.17 -8.55 -28.75
CA ARG D 184 35.13 -7.26 -28.07
C ARG D 184 34.00 -7.32 -27.05
N ALA D 185 34.32 -7.04 -25.80
CA ALA D 185 33.38 -7.33 -24.72
C ALA D 185 33.77 -6.56 -23.46
N LYS D 186 32.88 -6.60 -22.47
CA LYS D 186 33.12 -6.00 -21.17
C LYS D 186 32.47 -6.87 -20.13
N THR D 187 33.23 -7.18 -19.07
CA THR D 187 32.70 -7.91 -17.92
C THR D 187 32.00 -6.95 -16.97
N GLY D 188 31.16 -7.53 -16.12
CA GLY D 188 30.52 -6.79 -15.05
C GLY D 188 30.34 -7.70 -13.85
N TYR D 189 30.34 -7.09 -12.67
CA TYR D 189 30.18 -7.82 -11.42
C TYR D 189 29.37 -6.92 -10.49
N SER D 190 28.11 -7.28 -10.24
CA SER D 190 27.20 -6.48 -9.43
C SER D 190 27.12 -7.10 -8.04
N THR D 191 27.59 -6.36 -7.04
CA THR D 191 27.63 -6.87 -5.67
C THR D 191 26.93 -5.98 -4.66
N ARG D 192 26.66 -4.71 -4.97
CA ARG D 192 26.19 -3.77 -3.95
C ARG D 192 24.72 -3.94 -3.64
N ILE D 193 23.94 -4.52 -4.56
CA ILE D 193 22.51 -4.72 -4.36
C ILE D 193 22.17 -6.13 -4.82
N GLU D 194 21.33 -6.82 -4.05
CA GLU D 194 20.93 -8.16 -4.45
C GLU D 194 20.02 -8.09 -5.68
N PRO D 195 20.06 -9.11 -6.55
CA PRO D 195 20.92 -10.30 -6.48
C PRO D 195 22.31 -10.06 -7.04
N LYS D 196 23.34 -10.60 -6.40
CA LYS D 196 24.68 -10.49 -6.94
C LYS D 196 24.77 -11.29 -8.24
N ILE D 197 25.26 -10.64 -9.30
CA ILE D 197 25.35 -11.27 -10.61
C ILE D 197 26.64 -10.85 -11.29
N GLY D 198 27.07 -11.68 -12.24
CA GLY D 198 28.14 -11.33 -13.15
C GLY D 198 27.60 -11.13 -14.56
N TRP D 199 28.24 -10.23 -15.29
CA TRP D 199 27.89 -9.94 -16.67
C TRP D 199 29.05 -10.28 -17.58
N TRP D 200 28.72 -10.67 -18.81
CA TRP D 200 29.67 -10.56 -19.92
C TRP D 200 28.87 -10.25 -21.17
N VAL D 201 29.16 -9.11 -21.79
CA VAL D 201 28.43 -8.63 -22.96
C VAL D 201 29.44 -8.16 -24.00
N GLY D 202 29.09 -8.37 -25.27
CA GLY D 202 29.98 -8.01 -26.37
C GLY D 202 29.58 -8.72 -27.63
N TRP D 203 30.58 -9.04 -28.45
CA TRP D 203 30.29 -9.75 -29.68
C TRP D 203 31.52 -10.51 -30.17
N VAL D 204 31.25 -11.54 -30.97
CA VAL D 204 32.26 -12.38 -31.57
C VAL D 204 32.30 -12.06 -33.04
N GLU D 205 33.44 -11.60 -33.52
CA GLU D 205 33.62 -11.23 -34.91
C GLU D 205 34.17 -12.42 -35.67
N LEU D 206 33.47 -12.84 -36.70
CA LEU D 206 33.95 -13.86 -37.62
C LEU D 206 34.21 -13.26 -38.99
N ASP D 207 34.79 -14.07 -39.87
CA ASP D 207 35.09 -13.62 -41.23
C ASP D 207 33.82 -13.08 -41.91
N ASP D 208 32.71 -13.78 -41.78
CA ASP D 208 31.51 -13.51 -42.55
C ASP D 208 30.28 -13.22 -41.69
N ASN D 209 30.45 -12.96 -40.40
CA ASN D 209 29.28 -12.74 -39.55
C ASN D 209 29.77 -12.18 -38.23
N VAL D 210 28.83 -11.69 -37.43
N VAL D 210 28.82 -11.66 -37.46
CA VAL D 210 29.13 -11.25 -36.08
CA VAL D 210 29.07 -11.22 -36.09
C VAL D 210 28.04 -11.77 -35.16
C VAL D 210 28.01 -11.86 -35.20
N TRP D 211 28.44 -12.44 -34.10
CA TRP D 211 27.52 -12.96 -33.09
C TRP D 211 27.60 -12.05 -31.87
N PHE D 212 26.51 -11.31 -31.62
CA PHE D 212 26.44 -10.55 -30.38
C PHE D 212 26.03 -11.48 -29.25
N PHE D 213 26.55 -11.20 -28.06
CA PHE D 213 26.21 -12.01 -26.90
C PHE D 213 26.04 -11.13 -25.68
N ALA D 214 25.18 -11.57 -24.77
CA ALA D 214 25.02 -10.96 -23.46
C ALA D 214 24.63 -12.07 -22.50
N MET D 215 25.41 -12.24 -21.45
CA MET D 215 25.14 -13.25 -20.44
C MET D 215 25.18 -12.63 -19.06
N ASN D 216 24.35 -13.14 -18.16
CA ASN D 216 24.54 -12.87 -16.74
C ASN D 216 24.22 -14.13 -15.95
N MET D 217 24.76 -14.19 -14.74
CA MET D 217 24.63 -15.36 -13.90
C MET D 217 24.72 -14.93 -12.44
N ASP D 218 24.01 -15.65 -11.58
CA ASP D 218 24.12 -15.41 -10.15
C ASP D 218 25.58 -15.59 -9.72
N MET D 219 26.06 -14.68 -8.87
CA MET D 219 27.46 -14.63 -8.47
C MET D 219 27.53 -14.36 -6.97
N PRO D 220 27.20 -15.34 -6.15
CA PRO D 220 27.23 -15.12 -4.69
C PRO D 220 28.60 -14.76 -4.16
N THR D 221 29.66 -15.32 -4.75
CA THR D 221 31.02 -15.01 -4.36
C THR D 221 31.86 -14.78 -5.61
N SER D 222 33.00 -14.12 -5.41
CA SER D 222 33.93 -13.86 -6.51
C SER D 222 34.60 -15.13 -7.04
N ASP D 223 34.25 -16.31 -6.53
CA ASP D 223 34.96 -17.52 -6.90
C ASP D 223 34.55 -18.02 -8.28
N GLY D 224 33.32 -17.74 -8.69
CA GLY D 224 32.83 -18.14 -9.99
C GLY D 224 32.99 -17.12 -11.10
N LEU D 225 33.77 -16.05 -10.88
CA LEU D 225 33.81 -15.00 -11.89
C LEU D 225 34.31 -15.53 -13.24
N GLY D 226 35.29 -16.43 -13.22
CA GLY D 226 35.79 -17.00 -14.45
C GLY D 226 34.72 -17.74 -15.24
N LEU D 227 33.62 -18.11 -14.59
CA LEU D 227 32.54 -18.83 -15.25
C LEU D 227 31.79 -17.94 -16.24
N ARG D 228 31.86 -16.62 -16.09
CA ARG D 228 31.19 -15.73 -17.03
C ARG D 228 31.69 -15.99 -18.45
N GLN D 229 33.00 -16.00 -18.65
CA GLN D 229 33.55 -16.25 -19.97
C GLN D 229 33.52 -17.75 -20.31
N ALA D 230 33.74 -18.62 -19.31
CA ALA D 230 33.85 -20.04 -19.58
C ALA D 230 32.52 -20.61 -20.07
N ILE D 231 31.42 -20.27 -19.40
CA ILE D 231 30.12 -20.76 -19.82
C ILE D 231 29.75 -20.19 -21.18
N THR D 232 29.99 -18.90 -21.38
CA THR D 232 29.70 -18.29 -22.69
C THR D 232 30.41 -19.05 -23.80
N LYS D 233 31.69 -19.35 -23.59
CA LYS D 233 32.49 -20.00 -24.64
C LYS D 233 32.01 -21.42 -24.91
N GLU D 234 31.60 -22.15 -23.87
CA GLU D 234 31.07 -23.48 -24.13
C GLU D 234 29.80 -23.42 -24.97
N VAL D 235 28.95 -22.42 -24.74
CA VAL D 235 27.80 -22.23 -25.60
C VAL D 235 28.26 -21.91 -27.02
N LEU D 236 29.18 -20.95 -27.15
CA LEU D 236 29.72 -20.63 -28.48
C LEU D 236 30.33 -21.86 -29.13
N LYS D 237 31.05 -22.66 -28.36
CA LYS D 237 31.63 -23.90 -28.88
C LYS D 237 30.54 -24.88 -29.32
N GLN D 238 29.52 -25.06 -28.48
CA GLN D 238 28.43 -25.97 -28.81
C GLN D 238 27.75 -25.57 -30.12
N GLU D 239 27.52 -24.27 -30.31
CA GLU D 239 26.89 -23.77 -31.52
C GLU D 239 27.87 -23.63 -32.69
N LYS D 240 29.08 -24.16 -32.55
CA LYS D 240 30.06 -24.14 -33.63
C LYS D 240 30.36 -22.72 -34.08
N ILE D 241 30.24 -21.75 -33.17
CA ILE D 241 30.63 -20.38 -33.48
C ILE D 241 32.13 -20.19 -33.32
N ILE D 242 32.74 -20.89 -32.37
CA ILE D 242 34.19 -20.90 -32.23
C ILE D 242 34.64 -22.35 -32.12
N PRO D 243 35.90 -22.64 -32.45
CA PRO D 243 36.39 -24.01 -32.26
C PRO D 243 36.44 -24.41 -30.79
N VBC E . 1.67 11.98 -2.16
C VBC E . 2.53 12.12 -1.09
O VBC E . 4.35 12.88 6.72
C1 VBC E . 2.92 13.39 -0.64
C10 VBC E . 6.49 12.25 2.23
C11 VBC E . 3.87 11.16 0.67
C12 VBC E . 3.02 11.00 -0.41
C2 VBC E . 3.76 13.52 0.44
C3 VBC E . 4.26 12.41 1.12
C4 VBC E . 5.13 12.56 2.30
C5 VBC E . 4.62 13.04 3.52
C6 VBC E . 5.44 13.19 4.63
C7 VBC E . 4.86 13.71 5.92
C8 VBC E . 6.79 12.87 4.53
C9 VBC E . 7.31 12.40 3.34
O1 VBC E . 4.92 14.95 6.12
H1 VBC E . 1.38 11.07 -2.49
H VBC E . 1.30 12.80 -2.65
H2 VBC E . 2.56 14.29 -1.15
H7 VBC E . 6.91 11.89 1.30
H8 VBC E . 4.23 10.26 1.19
H9 VBC E . 2.75 10.00 -0.73
H3 VBC E . 4.05 14.53 0.77
H4 VBC E . 3.56 13.29 3.59
H5 VBC E . 7.43 12.98 5.40
H6 VBC E . 8.37 12.15 3.27
N VBC F . -6.34 7.45 -7.06
C VBC F . -6.95 6.40 -7.73
O VBC F . -9.04 1.86 -14.13
C1 VBC F . -7.77 6.65 -8.83
C10 VBC F . -9.98 2.54 -9.29
C11 VBC F . -7.37 4.04 -8.00
C12 VBC F . -6.76 5.08 -7.32
C2 VBC F . -8.37 5.59 -9.50
C3 VBC F . -8.18 4.28 -9.10
C4 VBC F . -8.85 3.15 -9.81
C5 VBC F . -8.37 2.72 -11.05
C6 VBC F . -9.01 1.72 -11.76
C7 VBC F . -8.50 1.31 -13.13
C8 VBC F . -10.14 1.12 -11.21
C9 VBC F . -10.62 1.53 -9.99
O1 VBC F . -7.58 0.45 -13.20
H1 VBC F . -5.74 7.27 -6.26
H VBC F . -6.47 8.41 -7.36
H2 VBC F . -7.94 7.66 -9.18
H7 VBC F . -10.37 2.84 -8.32
H8 VBC F . -7.20 3.02 -7.66
H9 VBC F . -6.12 4.85 -6.46
H3 VBC F . -9.00 5.81 -10.36
H4 VBC F . -7.47 3.18 -11.49
H5 VBC F . -10.65 0.33 -11.78
H6 VBC F . -11.51 1.06 -9.57
CL CL G . -41.84 6.27 30.80
N VBC H . -29.37 -14.91 15.42
C VBC H . -29.86 -13.93 16.26
O VBC H . -31.37 -8.36 22.59
C1 VBC H . -30.36 -14.25 17.52
C10 VBC H . -33.14 -10.83 18.61
C11 VBC H . -30.48 -11.63 16.66
C12 VBC H . -29.91 -12.59 15.85
C2 VBC H . -30.92 -13.28 18.34
C3 VBC H . -31.02 -11.95 17.91
C4 VBC H . -31.76 -10.94 18.71
C5 VBC H . -31.08 -10.14 19.62
C6 VBC H . -31.77 -9.25 20.44
C7 VBC H . -31.01 -8.35 21.38
C8 VBC H . -33.16 -9.18 20.35
C9 VBC H . -33.84 -9.96 19.43
O1 VBC H . -30.07 -7.64 20.90
H1 VBC H . -29.01 -14.68 14.50
H VBC H . -29.37 -15.89 15.70
H2 VBC H . -30.31 -15.27 17.90
H7 VBC H . -33.68 -11.43 17.88
H8 VBC H . -30.51 -10.59 16.32
H9 VBC H . -29.50 -12.30 14.89
H3 VBC H . -31.30 -13.56 19.31
H4 VBC H . -30.00 -10.20 19.70
H5 VBC H . -33.69 -8.51 21.01
H6 VBC H . -34.92 -9.89 19.35
N VBC I . 35.40 -8.17 -4.40
C VBC I . 35.65 -7.97 -5.73
O VBC I . 33.94 -7.19 -13.66
C1 VBC I . 36.51 -8.79 -6.45
C10 VBC I . 37.63 -6.65 -10.30
C11 VBC I . 35.29 -6.70 -7.76
C12 VBC I . 35.04 -6.91 -6.41
C2 VBC I . 36.76 -8.57 -7.79
C3 VBC I . 36.16 -7.52 -8.47
C4 VBC I . 36.45 -7.27 -9.90
C5 VBC I . 35.55 -7.68 -10.89
C6 VBC I . 35.83 -7.47 -12.25
C7 VBC I . 34.87 -7.97 -13.29
C8 VBC I . 37.01 -6.85 -12.61
C9 VBC I . 37.91 -6.44 -11.63
O1 VBC I . 35.03 -9.12 -13.73
H1 VBC I . 34.78 -7.57 -3.88
H VBC I . 35.85 -8.93 -3.89
H2 VBC I . 37.01 -9.63 -5.96
H7 VBC I . 38.34 -6.32 -9.54
H8 VBC I . 34.80 -5.86 -8.26
H9 VBC I . 34.35 -6.24 -5.90
H3 VBC I . 37.45 -9.24 -8.32
H4 VBC I . 34.62 -8.15 -10.61
H5 VBC I . 37.23 -6.71 -13.67
H6 VBC I . 38.84 -5.95 -11.93
CL CL J . 40.99 -2.84 -32.66
C1 EDO K . 34.95 -6.01 -40.01
O1 EDO K . 33.55 -6.25 -39.79
C2 EDO K . 35.27 -4.74 -39.22
O2 EDO K . 34.03 -4.31 -38.73
H11 EDO K . 35.16 -5.86 -41.07
H12 EDO K . 35.55 -6.85 -39.64
HO1 EDO K . 33.29 -7.05 -40.26
H21 EDO K . 35.72 -3.99 -39.87
H22 EDO K . 35.96 -4.97 -38.40
HO2 EDO K . 34.15 -3.51 -38.21
C1 EDO L . 34.46 -6.89 -37.29
O1 EDO L . 33.49 -6.07 -37.93
C2 EDO L . 34.34 -8.26 -37.93
O2 EDO L . 33.01 -8.67 -37.61
H11 EDO L . 35.46 -6.49 -37.43
H12 EDO L . 34.25 -6.95 -36.22
HO1 EDO L . 33.53 -5.18 -37.55
H21 EDO L . 34.47 -8.19 -39.02
H22 EDO L . 35.08 -8.94 -37.53
HO2 EDO L . 32.85 -9.54 -37.99
#